data_4A2A
#
_entry.id   4A2A
#
_cell.length_a   56.719
_cell.length_b   75.718
_cell.length_c   100.265
_cell.angle_alpha   90.00
_cell.angle_beta   93.64
_cell.angle_gamma   90.00
#
_symmetry.space_group_name_H-M   'P 1 21 1'
#
loop_
_entity.id
_entity.type
_entity.pdbx_description
1 polymer 'CELL DIVISION PROTEIN FTSA, PUTATIVE'
2 polymer 'CELL DIVISION PROTEIN FTSZ'
3 non-polymer "ADENOSINE-5'-TRIPHOSPHATE"
4 water water
#
loop_
_entity_poly.entity_id
_entity_poly.type
_entity_poly.pdbx_seq_one_letter_code
_entity_poly.pdbx_strand_id
1 'polypeptide(L)'
;MIDLSKTVFYTSIDIGSRYIKGLVLGKRDQEWEALAFSSVKSRGLDEGEIKDAIAFKESVNTLLKELEEQLQKSLRSDFV
ISFSSVSFEREDTVIERDFGEEKRSITLDILSEMQSEALEKLKENGKTPLHIFSKRYLLDDERIVFNPLDMKASKIAIEY
TSIVVPLKVYEMFYNFLQDTVKSPFQLKSSLVSTAEGVLTTPEKDRGVVVVNLGYNFTGLIAYKNGVPIKISYVPVGMKH
VIKDVSAVLDTSFEESERLIITHGNAVYNDLKEEEIQYRGLDGNTIKTTTAKKLSVIIHARLREIMSKSKKFFREVEAKI
VEEGEIGIPGGVVLTGGGAKIPRINELATEVFKSPVRTGCYANSDRPSIINADEVANDPSFAAAFGNVFAVSENPYEETP
VKSENPLKKIFRLFKELME
;
A,B
2 'polypeptide(L)' EGDIPAIYRYGLEGLL C,D
#
loop_
_chem_comp.id
_chem_comp.type
_chem_comp.name
_chem_comp.formula
ATP non-polymer ADENOSINE-5'-TRIPHOSPHATE 'C10 H16 N5 O13 P3'
#
# COMPACT_ATOMS: atom_id res chain seq x y z
N THR A 7 41.85 1.40 -15.45
CA THR A 7 40.65 0.79 -14.92
C THR A 7 39.59 1.85 -14.60
N VAL A 8 38.39 1.67 -15.16
CA VAL A 8 37.31 2.64 -15.02
C VAL A 8 36.01 1.96 -14.57
N PHE A 9 35.37 2.54 -13.56
CA PHE A 9 34.15 1.95 -13.01
C PHE A 9 32.92 2.83 -13.25
N TYR A 10 31.78 2.18 -13.48
CA TYR A 10 30.51 2.88 -13.65
C TYR A 10 29.50 2.28 -12.71
N THR A 11 28.75 3.14 -12.02
CA THR A 11 27.58 2.71 -11.26
C THR A 11 26.34 3.21 -11.99
N SER A 12 25.49 2.28 -12.41
CA SER A 12 24.30 2.63 -13.17
C SER A 12 23.09 2.27 -12.34
N ILE A 13 22.19 3.23 -12.17
CA ILE A 13 20.95 3.00 -11.42
C ILE A 13 19.76 3.29 -12.30
N ASP A 14 18.80 2.39 -12.32
CA ASP A 14 17.57 2.59 -13.09
C ASP A 14 16.41 2.60 -12.12
N ILE A 15 15.80 3.77 -11.97
CA ILE A 15 14.72 3.93 -11.01
C ILE A 15 13.38 3.67 -11.67
N GLY A 16 12.77 2.56 -11.30
CA GLY A 16 11.45 2.20 -11.78
C GLY A 16 10.46 2.41 -10.66
N SER A 17 9.17 2.34 -10.98
CA SER A 17 8.12 2.52 -9.99
C SER A 17 7.94 1.31 -9.08
N ARG A 18 8.39 0.15 -9.52
CA ARG A 18 8.21 -1.07 -8.72
C ARG A 18 9.57 -1.54 -8.22
N TYR A 19 10.59 -1.41 -9.06
CA TYR A 19 11.93 -1.85 -8.69
C TYR A 19 12.98 -0.81 -9.06
N ILE A 20 13.99 -0.68 -8.21
CA ILE A 20 15.18 0.12 -8.55
C ILE A 20 16.31 -0.86 -8.87
N LYS A 21 16.88 -0.75 -10.07
CA LYS A 21 17.91 -1.68 -10.53
C LYS A 21 19.26 -0.99 -10.44
N GLY A 22 20.26 -1.74 -9.97
CA GLY A 22 21.60 -1.21 -9.81
C GLY A 22 22.64 -2.10 -10.45
N LEU A 23 23.67 -1.50 -11.03
CA LEU A 23 24.66 -2.28 -11.74
C LEU A 23 25.98 -1.54 -11.64
N VAL A 24 27.04 -2.28 -11.24
CA VAL A 24 28.40 -1.74 -11.24
C VAL A 24 29.21 -2.50 -12.27
N LEU A 25 29.77 -1.74 -13.21
CA LEU A 25 30.52 -2.32 -14.30
C LEU A 25 31.93 -1.78 -14.22
N GLY A 26 32.88 -2.63 -14.59
CA GLY A 26 34.27 -2.21 -14.61
C GLY A 26 34.82 -2.49 -15.99
N LYS A 27 35.72 -1.62 -16.44
CA LYS A 27 36.45 -1.84 -17.68
C LYS A 27 37.95 -1.77 -17.44
N TRP A 32 35.23 -5.84 -20.13
CA TRP A 32 34.05 -5.52 -19.34
C TRP A 32 33.64 -6.64 -18.41
N GLU A 33 33.26 -6.26 -17.20
CA GLU A 33 32.73 -7.24 -16.28
C GLU A 33 31.73 -6.57 -15.36
N ALA A 34 30.81 -7.37 -14.85
CA ALA A 34 29.85 -6.88 -13.87
C ALA A 34 30.41 -7.14 -12.48
N LEU A 35 30.60 -6.07 -11.72
CA LEU A 35 31.16 -6.18 -10.37
C LEU A 35 30.08 -6.42 -9.31
N ALA A 36 28.88 -5.90 -9.57
CA ALA A 36 27.80 -6.02 -8.61
C ALA A 36 26.48 -5.75 -9.32
N PHE A 37 25.41 -6.34 -8.84
CA PHE A 37 24.11 -6.01 -9.39
C PHE A 37 23.02 -6.37 -8.39
N SER A 38 21.96 -5.56 -8.39
CA SER A 38 20.84 -5.84 -7.50
C SER A 38 19.58 -5.14 -7.95
N SER A 39 18.46 -5.59 -7.41
CA SER A 39 17.16 -5.02 -7.71
C SER A 39 16.53 -4.90 -6.34
N VAL A 40 16.01 -3.73 -6.00
CA VAL A 40 15.36 -3.56 -4.71
C VAL A 40 13.98 -2.99 -4.89
N LYS A 41 13.10 -3.22 -3.91
CA LYS A 41 11.77 -2.68 -4.02
C LYS A 41 11.82 -1.17 -4.01
N SER A 42 11.08 -0.57 -4.93
CA SER A 42 11.00 0.86 -5.03
C SER A 42 9.84 1.31 -4.14
N ARG A 43 10.11 2.28 -3.27
CA ARG A 43 9.09 2.84 -2.39
C ARG A 43 9.10 4.36 -2.49
N GLY A 44 7.95 5.00 -2.33
CA GLY A 44 7.87 6.45 -2.30
C GLY A 44 7.65 7.10 -3.66
N LEU A 45 7.73 6.29 -4.70
CA LEU A 45 7.37 6.73 -6.05
C LEU A 45 5.99 6.24 -6.37
N ASP A 46 5.10 7.16 -6.67
CA ASP A 46 3.74 6.80 -7.00
C ASP A 46 3.38 7.49 -8.29
N GLU A 47 3.27 6.71 -9.35
CA GLU A 47 2.99 7.23 -10.69
C GLU A 47 4.03 8.26 -11.12
N GLY A 48 5.30 7.88 -11.05
CA GLY A 48 6.38 8.71 -11.54
C GLY A 48 6.66 9.98 -10.75
N GLU A 49 5.90 10.20 -9.68
CA GLU A 49 6.15 11.33 -8.81
C GLU A 49 6.68 10.84 -7.47
N ILE A 50 7.66 11.54 -6.93
CA ILE A 50 8.12 11.23 -5.58
C ILE A 50 7.08 11.76 -4.59
N LYS A 51 6.32 10.86 -3.97
CA LYS A 51 5.26 11.25 -3.04
C LYS A 51 5.63 10.97 -1.59
N ASP A 52 6.78 10.31 -1.42
CA ASP A 52 7.33 10.10 -0.09
C ASP A 52 8.85 10.10 -0.25
N ALA A 53 9.46 11.26 -0.03
CA ALA A 53 10.90 11.43 -0.25
C ALA A 53 11.71 10.61 0.75
N ILE A 54 11.14 10.41 1.93
CA ILE A 54 11.82 9.68 2.99
C ILE A 54 11.94 8.22 2.58
N ALA A 55 10.82 7.63 2.16
CA ALA A 55 10.78 6.26 1.65
C ALA A 55 11.69 6.11 0.42
N PHE A 56 11.57 7.04 -0.52
CA PHE A 56 12.37 7.02 -1.76
C PHE A 56 13.86 6.97 -1.46
N LYS A 57 14.28 7.83 -0.53
CA LYS A 57 15.70 7.89 -0.15
C LYS A 57 16.11 6.59 0.50
N GLU A 58 15.22 6.01 1.29
CA GLU A 58 15.51 4.73 1.93
C GLU A 58 15.73 3.64 0.90
N SER A 59 14.88 3.61 -0.12
CA SER A 59 14.91 2.61 -1.18
C SER A 59 16.23 2.70 -1.91
N VAL A 60 16.59 3.91 -2.33
CA VAL A 60 17.86 4.12 -3.00
C VAL A 60 19.03 3.71 -2.11
N ASN A 61 19.02 4.13 -0.85
CA ASN A 61 20.08 3.73 0.07
C ASN A 61 20.19 2.22 0.23
N THR A 62 19.05 1.53 0.19
CA THR A 62 19.05 0.09 0.29
C THR A 62 19.78 -0.55 -0.90
N LEU A 63 19.59 0.02 -2.09
CA LEU A 63 20.30 -0.47 -3.28
C LEU A 63 21.79 -0.17 -3.17
N LEU A 64 22.13 1.06 -2.76
CA LEU A 64 23.53 1.43 -2.64
C LEU A 64 24.27 0.52 -1.66
N LYS A 65 23.65 0.29 -0.50
CA LYS A 65 24.21 -0.61 0.51
C LYS A 65 24.44 -2.04 -0.04
N GLU A 66 23.48 -2.55 -0.80
CA GLU A 66 23.61 -3.91 -1.37
C GLU A 66 24.75 -3.96 -2.39
N LEU A 67 24.84 -2.94 -3.23
CA LEU A 67 25.95 -2.85 -4.19
C LEU A 67 27.31 -2.78 -3.49
N GLU A 68 27.40 -1.99 -2.42
CA GLU A 68 28.64 -1.92 -1.66
C GLU A 68 28.96 -3.24 -0.98
N GLU A 69 27.94 -3.88 -0.42
CA GLU A 69 28.14 -5.17 0.23
C GLU A 69 28.75 -6.18 -0.75
N GLN A 70 28.26 -6.21 -1.99
CA GLN A 70 28.80 -7.10 -3.01
C GLN A 70 30.24 -6.75 -3.40
N LEU A 71 30.51 -5.47 -3.53
CA LEU A 71 31.84 -5.02 -3.93
C LEU A 71 32.87 -5.24 -2.82
N GLN A 72 32.46 -5.01 -1.57
CA GLN A 72 33.43 -4.88 -0.47
C GLN A 72 34.34 -3.67 -0.66
N LYS A 73 33.77 -2.56 -1.11
CA LYS A 73 34.53 -1.34 -1.33
C LYS A 73 33.56 -0.18 -1.57
N SER A 74 33.92 1.02 -1.13
CA SER A 74 33.06 2.19 -1.28
C SER A 74 32.90 2.61 -2.75
N LEU A 75 31.71 3.05 -3.11
CA LEU A 75 31.37 3.34 -4.50
C LEU A 75 32.13 4.54 -5.08
N ARG A 76 33.22 4.25 -5.81
CA ARG A 76 34.02 5.29 -6.47
C ARG A 76 33.94 5.20 -8.00
N SER A 77 32.91 5.83 -8.56
CA SER A 77 32.67 5.80 -9.99
C SER A 77 31.85 7.00 -10.41
N ASP A 78 31.58 7.13 -11.70
CA ASP A 78 30.60 8.11 -12.13
C ASP A 78 29.24 7.41 -12.15
N PHE A 79 28.25 8.06 -11.56
CA PHE A 79 26.91 7.50 -11.55
C PHE A 79 26.13 7.97 -12.77
N VAL A 80 25.41 7.05 -13.38
CA VAL A 80 24.46 7.43 -14.42
C VAL A 80 23.14 6.88 -13.92
N ILE A 81 22.12 7.72 -13.87
CA ILE A 81 20.86 7.31 -13.24
C ILE A 81 19.67 7.62 -14.12
N SER A 82 18.85 6.61 -14.40
CA SER A 82 17.75 6.82 -15.33
C SER A 82 16.44 6.73 -14.57
N PHE A 83 15.41 7.40 -15.10
CA PHE A 83 14.07 7.32 -14.52
C PHE A 83 13.01 7.36 -15.63
N SER A 84 11.79 6.93 -15.27
CA SER A 84 10.66 6.90 -16.20
C SER A 84 9.71 8.05 -15.95
N SER A 85 9.15 8.60 -17.02
CA SER A 85 8.14 9.64 -16.91
C SER A 85 7.31 9.67 -18.16
N VAL A 86 6.01 9.94 -18.01
CA VAL A 86 5.16 10.05 -19.18
C VAL A 86 5.44 11.35 -19.94
N SER A 87 6.25 12.22 -19.35
CA SER A 87 6.46 13.57 -19.88
C SER A 87 7.64 13.74 -20.81
N PHE A 88 8.41 12.66 -21.02
CA PHE A 88 9.50 12.74 -22.00
C PHE A 88 8.94 13.00 -23.38
N GLU A 89 9.60 13.88 -24.13
CA GLU A 89 9.15 14.10 -25.49
C GLU A 89 10.30 14.46 -26.40
N ARG A 90 10.04 14.36 -27.69
CA ARG A 90 11.04 14.65 -28.71
C ARG A 90 11.02 16.13 -29.04
N GLU A 91 12.20 16.74 -29.13
CA GLU A 91 12.31 18.11 -29.56
C GLU A 91 13.52 18.29 -30.44
N ASP A 92 13.39 19.10 -31.48
CA ASP A 92 14.43 19.26 -32.47
C ASP A 92 14.93 20.68 -32.50
N THR A 93 16.16 20.86 -32.94
CA THR A 93 16.69 22.19 -33.21
C THR A 93 17.83 22.13 -34.22
N VAL A 94 18.09 23.27 -34.85
CA VAL A 94 19.15 23.36 -35.85
C VAL A 94 20.13 24.42 -35.42
N ILE A 95 21.41 24.11 -35.53
CA ILE A 95 22.44 25.08 -35.27
C ILE A 95 23.22 25.29 -36.56
N GLU A 96 23.54 26.54 -36.86
CA GLU A 96 24.26 26.83 -38.08
C GLU A 96 25.49 27.66 -37.80
N ARG A 97 26.51 27.45 -38.63
CA ARG A 97 27.69 28.31 -38.64
C ARG A 97 27.80 28.86 -40.05
N ASP A 98 28.16 30.14 -40.15
CA ASP A 98 28.36 30.78 -41.43
C ASP A 98 29.70 31.48 -41.29
N PHE A 99 30.70 30.98 -42.01
CA PHE A 99 32.08 31.43 -41.80
C PHE A 99 32.42 32.65 -42.64
N GLY A 100 31.49 33.03 -43.51
CA GLY A 100 31.70 34.18 -44.38
C GLY A 100 32.25 33.77 -45.73
N GLU A 101 33.00 34.67 -46.35
CA GLU A 101 33.48 34.45 -47.71
C GLU A 101 34.74 33.58 -47.73
N GLU A 102 35.00 32.88 -46.64
CA GLU A 102 36.13 31.95 -46.58
C GLU A 102 35.66 30.58 -46.09
N LYS A 103 36.31 29.52 -46.56
CA LYS A 103 36.00 28.16 -46.14
C LYS A 103 36.84 27.79 -44.93
N ARG A 104 36.26 27.01 -44.02
CA ARG A 104 37.00 26.59 -42.83
C ARG A 104 36.82 25.10 -42.54
N SER A 105 37.84 24.50 -41.92
CA SER A 105 37.72 23.11 -41.53
C SER A 105 36.71 22.98 -40.40
N ILE A 106 35.90 21.94 -40.47
CA ILE A 106 34.98 21.61 -39.39
C ILE A 106 35.76 20.78 -38.38
N THR A 107 36.00 21.36 -37.21
CA THR A 107 36.85 20.74 -36.19
C THR A 107 36.01 20.13 -35.07
N LEU A 108 36.63 19.37 -34.19
CA LEU A 108 35.96 18.89 -32.97
C LEU A 108 35.48 20.06 -32.11
N ASP A 109 36.33 21.08 -31.98
CA ASP A 109 35.98 22.27 -31.23
C ASP A 109 34.72 22.92 -31.80
N ILE A 110 34.60 22.96 -33.12
CA ILE A 110 33.42 23.55 -33.74
C ILE A 110 32.19 22.68 -33.45
N LEU A 111 32.34 21.37 -33.52
CA LEU A 111 31.18 20.49 -33.32
C LEU A 111 30.75 20.48 -31.86
N SER A 112 31.75 20.54 -30.98
CA SER A 112 31.50 20.57 -29.54
C SER A 112 30.75 21.84 -29.21
N GLU A 113 31.25 22.95 -29.74
CA GLU A 113 30.59 24.23 -29.58
C GLU A 113 29.15 24.23 -30.09
N MET A 114 28.92 23.66 -31.26
CA MET A 114 27.56 23.69 -31.84
C MET A 114 26.61 22.83 -31.02
N GLN A 115 27.09 21.69 -30.55
CA GLN A 115 26.25 20.83 -29.72
C GLN A 115 25.93 21.47 -28.37
N SER A 116 26.94 22.04 -27.71
CA SER A 116 26.72 22.78 -26.47
C SER A 116 25.66 23.85 -26.68
N GLU A 117 25.70 24.48 -27.86
CA GLU A 117 24.75 25.53 -28.19
C GLU A 117 23.34 24.99 -28.40
N ALA A 118 23.26 23.81 -29.01
CA ALA A 118 21.98 23.15 -29.19
C ALA A 118 21.39 22.85 -27.83
N LEU A 119 22.23 22.39 -26.90
CA LEU A 119 21.73 21.97 -25.59
C LEU A 119 21.17 23.14 -24.84
N GLU A 120 21.88 24.27 -24.94
CA GLU A 120 21.44 25.49 -24.29
C GLU A 120 20.15 25.98 -24.93
N LYS A 121 20.04 25.84 -26.25
CA LYS A 121 18.81 26.19 -26.94
C LYS A 121 17.61 25.30 -26.61
N LEU A 122 17.87 24.05 -26.24
CA LEU A 122 16.75 23.14 -25.93
C LEU A 122 16.24 23.32 -24.51
N LYS A 123 17.00 24.05 -23.70
CA LYS A 123 16.56 24.36 -22.35
C LYS A 123 15.65 25.58 -22.39
N GLU A 124 14.39 25.35 -22.75
CA GLU A 124 13.43 26.43 -22.84
C GLU A 124 12.01 25.91 -22.75
N ASN A 125 11.05 26.83 -22.67
CA ASN A 125 9.65 26.47 -22.49
C ASN A 125 9.47 25.49 -21.32
N GLY A 126 10.27 25.64 -20.28
CA GLY A 126 10.12 24.84 -19.07
C GLY A 126 10.58 23.41 -19.21
N LYS A 127 11.42 23.14 -20.21
CA LYS A 127 11.93 21.79 -20.45
C LYS A 127 13.45 21.78 -20.49
N THR A 128 14.03 20.59 -20.35
CA THR A 128 15.49 20.45 -20.37
C THR A 128 15.90 19.11 -21.03
N PRO A 129 16.95 19.12 -21.88
CA PRO A 129 17.28 17.91 -22.64
C PRO A 129 18.08 16.88 -21.83
N LEU A 130 17.74 15.59 -21.95
CA LEU A 130 18.51 14.52 -21.32
C LEU A 130 19.34 13.75 -22.33
N HIS A 131 18.92 13.76 -23.58
CA HIS A 131 19.64 13.07 -24.64
C HIS A 131 19.63 13.94 -25.88
N ILE A 132 20.74 13.97 -26.60
CA ILE A 132 20.80 14.74 -27.85
C ILE A 132 21.49 13.90 -28.93
N PHE A 133 20.98 13.96 -30.15
CA PHE A 133 21.54 13.18 -31.23
C PHE A 133 21.68 14.10 -32.43
N SER A 134 22.82 14.01 -33.12
CA SER A 134 23.01 14.73 -34.37
C SER A 134 22.29 13.97 -35.46
N LYS A 135 21.30 14.62 -36.08
CA LYS A 135 20.40 13.92 -36.99
C LYS A 135 20.79 14.12 -38.46
N ARG A 136 21.10 15.35 -38.84
CA ARG A 136 21.50 15.64 -40.21
C ARG A 136 22.61 16.70 -40.28
N TYR A 137 23.50 16.52 -41.24
CA TYR A 137 24.58 17.49 -41.47
C TYR A 137 24.50 18.03 -42.89
N LEU A 138 24.47 19.36 -43.01
CA LEU A 138 24.31 20.01 -44.32
C LEU A 138 25.41 21.03 -44.49
N LEU A 139 26.22 20.86 -45.53
CA LEU A 139 27.28 21.82 -45.83
C LEU A 139 26.94 22.73 -47.00
N ASP A 140 27.40 23.97 -46.91
CA ASP A 140 27.24 24.94 -48.00
C ASP A 140 25.85 24.89 -48.62
N ASP A 141 24.85 24.63 -47.78
CA ASP A 141 23.45 24.69 -48.18
C ASP A 141 23.06 23.72 -49.29
N GLU A 142 23.86 22.69 -49.52
CA GLU A 142 23.51 21.74 -50.59
C GLU A 142 24.07 20.35 -50.38
N ARG A 143 25.14 20.22 -49.60
CA ARG A 143 25.83 18.94 -49.49
C ARG A 143 25.48 18.20 -48.18
N ILE A 144 24.74 17.11 -48.30
CA ILE A 144 24.43 16.29 -47.13
C ILE A 144 25.52 15.28 -46.88
N VAL A 145 26.09 15.31 -45.68
CA VAL A 145 27.17 14.38 -45.36
C VAL A 145 26.83 13.55 -44.12
N PHE A 146 27.51 12.43 -43.95
CA PHE A 146 27.26 11.54 -42.82
C PHE A 146 28.09 11.95 -41.60
N ASN A 147 29.23 12.58 -41.86
CA ASN A 147 30.13 13.01 -40.79
C ASN A 147 30.85 14.25 -41.28
N PRO A 148 30.64 15.40 -40.61
CA PRO A 148 31.20 16.67 -41.08
C PRO A 148 32.68 16.86 -40.73
N LEU A 149 33.19 16.08 -39.79
CA LEU A 149 34.53 16.28 -39.25
C LEU A 149 35.62 16.26 -40.32
N ASP A 150 36.47 17.29 -40.28
CA ASP A 150 37.60 17.46 -41.20
C ASP A 150 37.18 17.92 -42.58
N MET A 151 35.90 18.16 -42.77
CA MET A 151 35.47 18.70 -44.04
C MET A 151 35.57 20.22 -44.00
N LYS A 152 35.71 20.83 -45.17
CA LYS A 152 35.85 22.27 -45.26
C LYS A 152 34.56 22.82 -45.87
N ALA A 153 34.08 23.93 -45.33
CA ALA A 153 32.81 24.48 -45.76
C ALA A 153 32.71 25.94 -45.39
N SER A 154 31.90 26.69 -46.15
CA SER A 154 31.62 28.08 -45.83
C SER A 154 30.47 28.19 -44.84
N LYS A 155 29.58 27.19 -44.86
CA LYS A 155 28.44 27.13 -43.97
C LYS A 155 28.20 25.69 -43.52
N ILE A 156 27.81 25.52 -42.27
CA ILE A 156 27.37 24.20 -41.82
C ILE A 156 26.06 24.35 -41.04
N ALA A 157 25.16 23.39 -41.25
CA ALA A 157 23.91 23.39 -40.50
C ALA A 157 23.74 21.99 -39.95
N ILE A 158 23.49 21.88 -38.65
CA ILE A 158 23.28 20.57 -38.05
C ILE A 158 21.91 20.53 -37.40
N GLU A 159 21.12 19.54 -37.80
CA GLU A 159 19.83 19.26 -37.17
C GLU A 159 20.06 18.30 -36.02
N TYR A 160 19.55 18.65 -34.83
CA TYR A 160 19.66 17.79 -33.68
C TYR A 160 18.27 17.35 -33.28
N THR A 161 18.16 16.13 -32.79
CA THR A 161 16.93 15.69 -32.17
C THR A 161 17.26 15.32 -30.71
N SER A 162 16.36 15.66 -29.79
CA SER A 162 16.66 15.43 -28.39
C SER A 162 15.47 14.83 -27.69
N ILE A 163 15.72 14.30 -26.51
CA ILE A 163 14.64 13.83 -25.65
C ILE A 163 14.69 14.72 -24.42
N VAL A 164 13.60 15.47 -24.20
CA VAL A 164 13.57 16.45 -23.13
C VAL A 164 12.54 16.05 -22.08
N VAL A 165 12.60 16.70 -20.91
CA VAL A 165 11.69 16.45 -19.81
C VAL A 165 11.40 17.78 -19.12
N PRO A 166 10.22 17.94 -18.51
CA PRO A 166 9.95 19.19 -17.80
C PRO A 166 11.00 19.45 -16.73
N LEU A 167 11.40 20.72 -16.56
CA LEU A 167 12.38 21.09 -15.54
C LEU A 167 11.94 20.66 -14.14
N LYS A 168 10.64 20.77 -13.88
CA LYS A 168 10.11 20.44 -12.56
C LYS A 168 10.31 18.97 -12.24
N VAL A 169 10.09 18.11 -13.23
CA VAL A 169 10.33 16.68 -13.07
C VAL A 169 11.84 16.44 -12.85
N TYR A 170 12.65 17.00 -13.73
CA TYR A 170 14.10 16.89 -13.61
C TYR A 170 14.60 17.31 -12.22
N GLU A 171 14.14 18.46 -11.75
CA GLU A 171 14.59 19.01 -10.49
C GLU A 171 14.16 18.14 -9.31
N MET A 172 12.96 17.56 -9.41
CA MET A 172 12.45 16.65 -8.39
C MET A 172 13.46 15.53 -8.17
N PHE A 173 13.77 14.78 -9.24
CA PHE A 173 14.75 13.70 -9.11
C PHE A 173 16.14 14.21 -8.72
N TYR A 174 16.63 15.22 -9.41
CA TYR A 174 17.99 15.72 -9.18
C TYR A 174 18.21 16.12 -7.71
N ASN A 175 17.31 16.93 -7.16
CA ASN A 175 17.48 17.38 -5.77
C ASN A 175 17.53 16.23 -4.76
N PHE A 176 16.59 15.29 -4.88
CA PHE A 176 16.59 14.18 -3.93
C PHE A 176 17.80 13.25 -4.09
N LEU A 177 18.19 12.98 -5.33
CA LEU A 177 19.35 12.12 -5.59
C LEU A 177 20.67 12.73 -5.12
N GLN A 178 20.81 14.04 -5.25
CA GLN A 178 22.07 14.65 -4.87
C GLN A 178 22.19 14.69 -3.36
N ASP A 179 21.06 14.45 -2.69
CA ASP A 179 21.03 14.41 -1.23
C ASP A 179 21.26 12.98 -0.74
N THR A 180 21.23 12.02 -1.66
CA THR A 180 21.34 10.61 -1.32
C THR A 180 22.56 9.93 -1.95
N VAL A 181 22.79 10.21 -3.23
CA VAL A 181 23.97 9.68 -3.91
C VAL A 181 25.09 10.67 -3.63
N LYS A 182 26.15 10.21 -3.00
CA LYS A 182 27.15 11.16 -2.52
C LYS A 182 28.24 11.33 -3.55
N SER A 183 27.82 11.53 -4.80
CA SER A 183 28.71 11.49 -5.96
C SER A 183 28.10 12.27 -7.11
N PRO A 184 28.95 12.75 -8.02
CA PRO A 184 28.42 13.39 -9.24
C PRO A 184 27.63 12.37 -10.05
N PHE A 185 26.63 12.85 -10.77
CA PHE A 185 25.78 11.95 -11.55
C PHE A 185 25.09 12.67 -12.71
N GLN A 186 24.66 11.89 -13.69
CA GLN A 186 23.95 12.39 -14.85
C GLN A 186 22.59 11.68 -14.91
N LEU A 187 21.52 12.41 -15.19
CA LEU A 187 20.20 11.79 -15.33
C LEU A 187 19.87 11.48 -16.80
N LYS A 188 19.19 10.36 -17.02
CA LYS A 188 18.80 9.92 -18.35
C LYS A 188 17.38 9.41 -18.32
N SER A 189 16.79 9.30 -19.51
CA SER A 189 15.49 8.66 -19.68
C SER A 189 15.63 7.15 -19.65
N SER A 190 14.89 6.48 -18.76
CA SER A 190 14.94 5.03 -18.69
C SER A 190 14.48 4.40 -20.00
N LEU A 191 13.54 5.05 -20.68
CA LEU A 191 13.05 4.48 -21.93
C LEU A 191 14.09 4.58 -23.04
N VAL A 192 14.81 5.70 -23.09
CA VAL A 192 15.89 5.84 -24.06
C VAL A 192 17.03 4.86 -23.77
N SER A 193 17.44 4.76 -22.50
CA SER A 193 18.49 3.85 -22.11
C SER A 193 18.08 2.39 -22.36
N THR A 194 16.80 2.09 -22.18
CA THR A 194 16.31 0.76 -22.47
C THR A 194 16.55 0.42 -23.94
N ALA A 195 16.18 1.35 -24.80
CA ALA A 195 16.35 1.13 -26.23
C ALA A 195 17.85 1.00 -26.55
N GLU A 196 18.66 1.88 -25.97
CA GLU A 196 20.09 1.84 -26.23
C GLU A 196 20.69 0.52 -25.71
N GLY A 197 20.10 -0.04 -24.66
CA GLY A 197 20.58 -1.28 -24.10
C GLY A 197 20.23 -2.54 -24.88
N VAL A 198 19.17 -2.49 -25.70
CA VAL A 198 18.69 -3.70 -26.36
C VAL A 198 18.75 -3.72 -27.89
N LEU A 199 18.76 -2.57 -28.52
CA LEU A 199 18.67 -2.56 -29.98
C LEU A 199 20.01 -2.85 -30.66
N THR A 200 19.95 -3.45 -31.84
CA THR A 200 21.14 -3.63 -32.65
C THR A 200 21.25 -2.44 -33.57
N THR A 201 22.44 -2.22 -34.13
CA THR A 201 22.65 -1.08 -35.01
C THR A 201 21.73 -1.10 -36.24
N PRO A 202 21.60 -2.26 -36.90
CA PRO A 202 20.68 -2.33 -38.04
C PRO A 202 19.24 -2.08 -37.64
N GLU A 203 18.83 -2.51 -36.46
CA GLU A 203 17.48 -2.22 -35.99
C GLU A 203 17.30 -0.70 -35.89
N LYS A 204 18.22 -0.02 -35.21
CA LYS A 204 18.14 1.43 -35.06
C LYS A 204 18.20 2.17 -36.40
N ASP A 205 18.88 1.60 -37.39
CA ASP A 205 19.03 2.21 -38.71
C ASP A 205 17.77 2.07 -39.56
N ARG A 206 17.35 0.83 -39.78
CA ARG A 206 16.25 0.51 -40.69
C ARG A 206 14.88 0.85 -40.12
N GLY A 207 14.74 0.75 -38.79
CA GLY A 207 13.48 1.06 -38.15
C GLY A 207 13.05 -0.04 -37.19
N VAL A 208 12.65 0.34 -35.97
CA VAL A 208 12.28 -0.62 -34.95
C VAL A 208 11.53 0.11 -33.85
N VAL A 209 10.63 -0.59 -33.17
CA VAL A 209 9.86 -0.01 -32.08
C VAL A 209 10.12 -0.79 -30.80
N VAL A 210 10.42 -0.07 -29.72
CA VAL A 210 10.58 -0.70 -28.41
C VAL A 210 9.29 -0.48 -27.63
N VAL A 211 8.78 -1.57 -27.07
CA VAL A 211 7.62 -1.51 -26.18
C VAL A 211 8.09 -1.92 -24.80
N ASN A 212 8.12 -0.96 -23.87
CA ASN A 212 8.62 -1.22 -22.55
C ASN A 212 7.48 -1.48 -21.58
N LEU A 213 7.34 -2.72 -21.16
CA LEU A 213 6.20 -3.16 -20.32
C LEU A 213 6.50 -2.88 -18.86
N GLY A 214 6.45 -1.60 -18.50
CA GLY A 214 6.77 -1.15 -17.16
C GLY A 214 5.58 -1.19 -16.22
N TYR A 215 5.74 -0.61 -15.04
CA TYR A 215 4.72 -0.82 -14.00
C TYR A 215 3.48 0.09 -14.20
N ASN A 216 3.66 1.39 -14.09
CA ASN A 216 2.51 2.31 -14.18
C ASN A 216 2.01 2.52 -15.58
N PHE A 217 2.90 2.45 -16.55
CA PHE A 217 2.49 2.65 -17.94
C PHE A 217 3.41 1.91 -18.88
N THR A 218 3.00 1.83 -20.14
CA THR A 218 3.78 1.15 -21.16
C THR A 218 4.49 2.19 -22.05
N GLY A 219 5.82 2.17 -22.03
CA GLY A 219 6.64 3.16 -22.73
C GLY A 219 6.84 2.74 -24.18
N LEU A 220 6.85 3.73 -25.09
CA LEU A 220 6.91 3.44 -26.51
C LEU A 220 7.95 4.31 -27.17
N ILE A 221 8.93 3.71 -27.83
CA ILE A 221 9.96 4.52 -28.50
C ILE A 221 10.34 3.90 -29.84
N ALA A 222 10.47 4.73 -30.87
CA ALA A 222 10.77 4.23 -32.21
C ALA A 222 12.08 4.84 -32.64
N TYR A 223 12.92 4.04 -33.28
CA TYR A 223 14.15 4.54 -33.86
C TYR A 223 14.12 4.39 -35.37
N LYS A 224 14.67 5.36 -36.08
CA LYS A 224 15.00 5.17 -37.50
C LYS A 224 16.22 6.02 -37.84
N ASN A 225 17.09 5.50 -38.71
CA ASN A 225 18.32 6.19 -39.10
C ASN A 225 19.26 6.43 -37.92
N GLY A 226 19.20 5.54 -36.94
CA GLY A 226 20.09 5.58 -35.80
C GLY A 226 19.67 6.41 -34.61
N VAL A 227 18.55 7.14 -34.74
CA VAL A 227 18.06 8.03 -33.68
C VAL A 227 16.58 7.81 -33.35
N PRO A 228 16.16 8.24 -32.15
CA PRO A 228 14.73 8.19 -31.81
C PRO A 228 13.94 9.11 -32.72
N ILE A 229 12.79 8.66 -33.22
CA ILE A 229 11.93 9.50 -34.05
C ILE A 229 10.58 9.79 -33.41
N LYS A 230 10.19 8.95 -32.46
CA LYS A 230 8.92 9.15 -31.75
C LYS A 230 9.02 8.50 -30.37
N ILE A 231 8.45 9.17 -29.37
CA ILE A 231 8.44 8.67 -27.99
C ILE A 231 7.08 8.99 -27.36
N SER A 232 6.46 7.99 -26.76
CA SER A 232 5.13 8.19 -26.18
C SER A 232 4.89 7.07 -25.17
N TYR A 233 3.64 6.82 -24.85
CA TYR A 233 3.33 5.82 -23.85
C TYR A 233 1.86 5.47 -23.93
N VAL A 234 1.49 4.35 -23.30
CA VAL A 234 0.10 3.99 -23.09
C VAL A 234 -0.09 3.95 -21.59
N PRO A 235 -1.15 4.58 -21.08
CA PRO A 235 -1.28 4.74 -19.62
C PRO A 235 -1.81 3.45 -18.96
N VAL A 236 -1.38 2.32 -19.47
CA VAL A 236 -1.78 1.01 -18.94
C VAL A 236 -0.50 0.19 -18.87
N GLY A 237 -0.27 -0.45 -17.73
CA GLY A 237 0.97 -1.20 -17.52
C GLY A 237 0.77 -2.41 -16.63
N MET A 238 1.88 -2.93 -16.10
CA MET A 238 1.80 -4.15 -15.30
C MET A 238 1.06 -3.93 -13.98
N LYS A 239 1.04 -2.70 -13.49
CA LYS A 239 0.24 -2.41 -12.31
C LYS A 239 -1.23 -2.80 -12.54
N HIS A 240 -1.72 -2.59 -13.76
CA HIS A 240 -3.12 -2.90 -14.06
C HIS A 240 -3.34 -4.40 -14.24
N VAL A 241 -2.31 -5.11 -14.67
CA VAL A 241 -2.38 -6.55 -14.73
C VAL A 241 -2.51 -7.10 -13.30
N ILE A 242 -1.68 -6.59 -12.39
CA ILE A 242 -1.72 -7.00 -10.99
C ILE A 242 -3.05 -6.63 -10.35
N LYS A 243 -3.50 -5.40 -10.61
CA LYS A 243 -4.80 -4.95 -10.11
C LYS A 243 -5.94 -5.85 -10.57
N ASP A 244 -5.97 -6.21 -11.85
CA ASP A 244 -7.01 -7.08 -12.39
C ASP A 244 -7.04 -8.42 -11.67
N VAL A 245 -5.88 -9.01 -11.47
CA VAL A 245 -5.80 -10.29 -10.77
C VAL A 245 -6.29 -10.16 -9.32
N SER A 246 -5.82 -9.13 -8.61
CA SER A 246 -6.30 -8.87 -7.24
C SER A 246 -7.81 -8.72 -7.20
N ALA A 247 -8.35 -8.03 -8.19
CA ALA A 247 -9.79 -7.79 -8.24
C ALA A 247 -10.54 -9.10 -8.52
N VAL A 248 -10.15 -9.81 -9.57
CA VAL A 248 -10.89 -11.01 -9.96
C VAL A 248 -10.75 -12.14 -8.93
N LEU A 249 -9.55 -12.32 -8.40
CA LEU A 249 -9.31 -13.43 -7.47
C LEU A 249 -9.58 -13.00 -6.03
N ASP A 250 -9.88 -11.71 -5.85
CA ASP A 250 -10.16 -11.14 -4.53
C ASP A 250 -9.03 -11.38 -3.53
N THR A 251 -7.85 -10.84 -3.84
CA THR A 251 -6.69 -10.99 -2.99
C THR A 251 -5.87 -9.70 -2.95
N SER A 252 -4.76 -9.72 -2.23
CA SER A 252 -3.92 -8.55 -2.12
C SER A 252 -3.12 -8.31 -3.40
N PHE A 253 -2.56 -7.12 -3.52
CA PHE A 253 -1.67 -6.74 -4.61
C PHE A 253 -0.45 -7.66 -4.66
N GLU A 254 0.13 -7.93 -3.50
CA GLU A 254 1.33 -8.75 -3.40
C GLU A 254 1.12 -10.24 -3.68
N GLU A 255 -0.01 -10.81 -3.25
CA GLU A 255 -0.33 -12.19 -3.63
C GLU A 255 -0.59 -12.28 -5.12
N SER A 256 -1.20 -11.25 -5.67
CA SER A 256 -1.49 -11.22 -7.09
C SER A 256 -0.16 -11.21 -7.84
N GLU A 257 0.75 -10.36 -7.38
CA GLU A 257 2.06 -10.29 -8.02
C GLU A 257 2.77 -11.64 -7.96
N ARG A 258 2.74 -12.27 -6.79
CA ARG A 258 3.36 -13.61 -6.66
C ARG A 258 2.79 -14.61 -7.66
N LEU A 259 1.47 -14.68 -7.77
CA LEU A 259 0.83 -15.60 -8.72
C LEU A 259 1.29 -15.34 -10.15
N ILE A 260 1.37 -14.06 -10.53
CA ILE A 260 1.68 -13.75 -11.92
C ILE A 260 3.10 -14.14 -12.24
N ILE A 261 4.01 -13.80 -11.35
CA ILE A 261 5.40 -14.14 -11.57
C ILE A 261 5.62 -15.63 -11.56
N THR A 262 4.94 -16.33 -10.65
CA THR A 262 5.17 -17.77 -10.51
C THR A 262 4.43 -18.63 -11.53
N HIS A 263 3.17 -18.29 -11.83
CA HIS A 263 2.34 -19.18 -12.66
C HIS A 263 1.72 -18.53 -13.91
N GLY A 264 1.99 -17.25 -14.13
CA GLY A 264 1.34 -16.51 -15.22
C GLY A 264 1.81 -16.94 -16.60
N ASN A 265 0.91 -16.84 -17.58
CA ASN A 265 1.24 -17.10 -18.99
C ASN A 265 0.42 -16.13 -19.82
N ALA A 266 0.98 -15.63 -20.92
CA ALA A 266 0.25 -14.69 -21.79
C ALA A 266 -0.78 -15.40 -22.67
N VAL A 267 -0.60 -16.72 -22.81
CA VAL A 267 -1.42 -17.55 -23.69
C VAL A 267 -2.11 -18.59 -22.83
N TYR A 268 -3.43 -18.65 -22.88
CA TYR A 268 -4.18 -19.51 -21.96
C TYR A 268 -4.87 -20.69 -22.62
N ASN A 269 -5.04 -20.65 -23.94
CA ASN A 269 -5.98 -21.60 -24.55
C ASN A 269 -5.54 -23.04 -24.38
N ASP A 270 -4.24 -23.29 -24.45
CA ASP A 270 -3.73 -24.66 -24.45
C ASP A 270 -3.27 -25.12 -23.06
N LEU A 271 -3.57 -24.35 -22.02
CA LEU A 271 -3.09 -24.67 -20.68
C LEU A 271 -3.79 -25.87 -20.03
N LYS A 272 -2.99 -26.78 -19.50
CA LYS A 272 -3.49 -27.92 -18.72
C LYS A 272 -4.19 -27.47 -17.45
N GLU A 273 -5.15 -28.27 -16.98
CA GLU A 273 -5.79 -28.03 -15.69
C GLU A 273 -4.71 -28.04 -14.60
N GLU A 274 -4.66 -26.97 -13.80
CA GLU A 274 -3.63 -26.85 -12.76
C GLU A 274 -4.13 -25.94 -11.65
N GLU A 275 -4.57 -26.55 -10.55
CA GLU A 275 -5.02 -25.76 -9.41
C GLU A 275 -3.84 -25.10 -8.69
N ILE A 276 -4.06 -23.85 -8.29
CA ILE A 276 -3.04 -23.14 -7.56
C ILE A 276 -3.67 -22.41 -6.37
N GLN A 277 -2.98 -22.44 -5.24
CA GLN A 277 -3.50 -21.83 -4.02
C GLN A 277 -2.94 -20.43 -3.79
N TYR A 278 -3.72 -19.62 -3.09
CA TYR A 278 -3.29 -18.27 -2.71
C TYR A 278 -4.06 -17.80 -1.48
N ARG A 279 -3.57 -16.72 -0.85
CA ARG A 279 -4.19 -16.19 0.37
C ARG A 279 -5.19 -15.08 0.08
N GLY A 280 -6.23 -14.99 0.91
CA GLY A 280 -7.14 -13.86 0.84
C GLY A 280 -6.55 -12.61 1.48
N LEU A 281 -7.33 -11.53 1.52
CA LEU A 281 -6.88 -10.27 2.10
C LEU A 281 -6.52 -10.38 3.57
N ASP A 282 -7.04 -11.40 4.23
CA ASP A 282 -6.79 -11.65 5.65
C ASP A 282 -5.41 -12.26 5.83
N GLY A 283 -4.80 -12.67 4.71
CA GLY A 283 -3.49 -13.27 4.72
C GLY A 283 -3.42 -14.69 5.25
N ASN A 284 -4.57 -15.28 5.59
CA ASN A 284 -4.57 -16.64 6.13
C ASN A 284 -5.53 -17.60 5.41
N THR A 285 -6.72 -17.11 5.08
CA THR A 285 -7.69 -17.93 4.36
C THR A 285 -7.08 -18.43 3.06
N ILE A 286 -7.00 -19.74 2.89
CA ILE A 286 -6.51 -20.29 1.63
C ILE A 286 -7.62 -20.36 0.58
N LYS A 287 -7.34 -19.80 -0.60
CA LYS A 287 -8.22 -19.86 -1.76
C LYS A 287 -7.52 -20.58 -2.92
N THR A 288 -8.31 -21.00 -3.90
CA THR A 288 -7.82 -21.79 -5.03
C THR A 288 -8.35 -21.26 -6.35
N THR A 289 -7.48 -21.19 -7.36
CA THR A 289 -7.89 -20.89 -8.73
C THR A 289 -7.15 -21.86 -9.64
N THR A 290 -7.09 -21.56 -10.93
CA THR A 290 -6.28 -22.39 -11.82
C THR A 290 -5.28 -21.54 -12.58
N ALA A 291 -4.20 -22.16 -13.04
CA ALA A 291 -3.23 -21.46 -13.89
C ALA A 291 -3.90 -20.88 -15.14
N LYS A 292 -4.87 -21.61 -15.67
CA LYS A 292 -5.60 -21.15 -16.86
C LYS A 292 -6.42 -19.90 -16.59
N LYS A 293 -7.16 -19.90 -15.48
CA LYS A 293 -7.97 -18.72 -15.15
C LYS A 293 -7.07 -17.51 -14.87
N LEU A 294 -5.99 -17.73 -14.14
CA LEU A 294 -5.03 -16.67 -13.90
C LEU A 294 -4.56 -16.09 -15.23
N SER A 295 -4.25 -16.95 -16.20
CA SER A 295 -3.72 -16.49 -17.48
C SER A 295 -4.77 -15.78 -18.32
N VAL A 296 -6.04 -16.16 -18.16
CA VAL A 296 -7.04 -15.44 -18.91
C VAL A 296 -7.08 -13.98 -18.46
N ILE A 297 -7.02 -13.78 -17.14
CA ILE A 297 -7.06 -12.42 -16.57
C ILE A 297 -5.85 -11.64 -17.07
N ILE A 298 -4.68 -12.26 -17.02
CA ILE A 298 -3.45 -11.60 -17.53
C ILE A 298 -3.54 -11.32 -19.03
N HIS A 299 -3.87 -12.36 -19.81
CA HIS A 299 -4.02 -12.24 -21.27
C HIS A 299 -4.87 -11.06 -21.69
N ALA A 300 -5.99 -10.87 -21.01
CA ALA A 300 -6.92 -9.81 -21.43
C ALA A 300 -6.29 -8.44 -21.26
N ARG A 301 -5.62 -8.23 -20.14
CA ARG A 301 -5.03 -6.91 -19.88
C ARG A 301 -3.81 -6.71 -20.79
N LEU A 302 -3.04 -7.76 -21.01
CA LEU A 302 -1.90 -7.67 -21.93
C LEU A 302 -2.36 -7.38 -23.36
N ARG A 303 -3.48 -7.99 -23.76
CA ARG A 303 -4.05 -7.75 -25.08
C ARG A 303 -4.46 -6.28 -25.20
N GLU A 304 -4.99 -5.73 -24.11
CA GLU A 304 -5.39 -4.34 -24.12
C GLU A 304 -4.18 -3.42 -24.30
N ILE A 305 -3.14 -3.68 -23.51
CA ILE A 305 -1.90 -2.91 -23.62
C ILE A 305 -1.36 -2.88 -25.04
N MET A 306 -1.31 -4.04 -25.69
CA MET A 306 -0.78 -4.12 -27.04
C MET A 306 -1.68 -3.50 -28.09
N SER A 307 -2.99 -3.70 -27.95
CA SER A 307 -3.91 -3.09 -28.89
C SER A 307 -3.78 -1.58 -28.84
N LYS A 308 -3.60 -1.03 -27.63
CA LYS A 308 -3.46 0.41 -27.50
C LYS A 308 -2.13 0.89 -28.06
N SER A 309 -1.09 0.07 -27.93
CA SER A 309 0.22 0.42 -28.45
C SER A 309 0.24 0.40 -29.98
N LYS A 310 -0.72 -0.30 -30.57
CA LYS A 310 -0.77 -0.41 -32.04
C LYS A 310 -0.98 0.95 -32.69
N LYS A 311 -1.71 1.83 -32.00
CA LYS A 311 -1.89 3.19 -32.52
C LYS A 311 -0.56 3.89 -32.76
N PHE A 312 0.34 3.79 -31.79
CA PHE A 312 1.69 4.34 -31.91
C PHE A 312 2.40 3.73 -33.12
N PHE A 313 2.36 2.41 -33.19
CA PHE A 313 2.96 1.63 -34.27
C PHE A 313 2.50 2.17 -35.62
N ARG A 314 1.20 2.45 -35.74
CA ARG A 314 0.64 2.98 -36.98
C ARG A 314 1.01 4.45 -37.25
N GLU A 315 1.13 5.27 -36.19
CA GLU A 315 1.59 6.64 -36.37
C GLU A 315 3.04 6.68 -36.82
N VAL A 316 3.83 5.72 -36.37
CA VAL A 316 5.22 5.61 -36.83
C VAL A 316 5.23 5.07 -38.25
N GLU A 317 4.34 4.12 -38.53
CA GLU A 317 4.22 3.54 -39.86
C GLU A 317 3.73 4.60 -40.85
N ALA A 318 4.40 5.75 -40.82
CA ALA A 318 4.13 6.84 -41.75
C ALA A 318 5.41 7.65 -41.91
N LYS A 319 6.37 7.38 -41.04
CA LYS A 319 7.63 8.12 -41.02
C LYS A 319 8.83 7.17 -41.08
N ILE A 328 7.87 -1.45 -40.87
CA ILE A 328 8.82 -1.42 -39.77
C ILE A 328 9.71 -2.67 -39.78
N PRO A 329 10.81 -2.62 -40.55
CA PRO A 329 11.70 -3.76 -40.74
C PRO A 329 11.99 -4.48 -39.43
N GLY A 330 12.49 -3.75 -38.44
CA GLY A 330 13.06 -4.34 -37.24
C GLY A 330 12.05 -4.98 -36.32
N GLY A 331 10.77 -4.78 -36.61
CA GLY A 331 9.72 -5.34 -35.80
C GLY A 331 9.66 -4.69 -34.44
N VAL A 332 9.19 -5.45 -33.45
CA VAL A 332 8.93 -4.95 -32.12
C VAL A 332 9.89 -5.62 -31.17
N VAL A 333 10.44 -4.85 -30.23
CA VAL A 333 11.29 -5.42 -29.20
C VAL A 333 10.60 -5.13 -27.88
N LEU A 334 10.20 -6.18 -27.15
CA LEU A 334 9.57 -5.97 -25.85
C LEU A 334 10.62 -5.90 -24.77
N THR A 335 10.47 -4.95 -23.84
CA THR A 335 11.39 -4.82 -22.72
C THR A 335 10.65 -4.62 -21.41
N GLY A 336 11.40 -4.50 -20.32
CA GLY A 336 10.79 -4.28 -19.01
C GLY A 336 10.25 -5.55 -18.37
N GLY A 337 9.74 -5.40 -17.15
CA GLY A 337 9.31 -6.56 -16.38
C GLY A 337 8.31 -7.47 -17.07
N GLY A 338 7.36 -6.85 -17.75
CA GLY A 338 6.32 -7.57 -18.46
C GLY A 338 6.83 -8.44 -19.59
N ALA A 339 7.99 -8.10 -20.14
CA ALA A 339 8.53 -8.88 -21.25
C ALA A 339 8.90 -10.29 -20.78
N LYS A 340 8.91 -10.49 -19.47
CA LYS A 340 9.27 -11.80 -18.91
C LYS A 340 8.09 -12.75 -18.75
N ILE A 341 6.88 -12.26 -19.00
CA ILE A 341 5.73 -13.16 -18.92
C ILE A 341 5.85 -14.22 -20.01
N PRO A 342 5.81 -15.51 -19.63
CA PRO A 342 5.91 -16.59 -20.61
C PRO A 342 4.97 -16.38 -21.79
N ARG A 343 5.53 -16.54 -22.99
CA ARG A 343 4.79 -16.51 -24.25
C ARG A 343 4.18 -15.16 -24.63
N ILE A 344 4.60 -14.09 -23.96
CA ILE A 344 4.09 -12.79 -24.34
C ILE A 344 4.45 -12.44 -25.79
N ASN A 345 5.54 -13.01 -26.30
CA ASN A 345 5.95 -12.72 -27.68
C ASN A 345 4.96 -13.28 -28.68
N GLU A 346 4.34 -14.40 -28.32
CA GLU A 346 3.31 -15.00 -29.17
C GLU A 346 2.12 -14.08 -29.27
N LEU A 347 1.66 -13.61 -28.11
CA LEU A 347 0.53 -12.69 -28.06
C LEU A 347 0.85 -11.44 -28.88
N ALA A 348 2.01 -10.83 -28.62
CA ALA A 348 2.39 -9.63 -29.34
C ALA A 348 2.42 -9.82 -30.87
N THR A 349 2.98 -10.93 -31.30
CA THR A 349 3.09 -11.21 -32.72
C THR A 349 1.69 -11.22 -33.34
N GLU A 350 0.74 -11.82 -32.63
CA GLU A 350 -0.63 -11.89 -33.08
C GLU A 350 -1.29 -10.50 -33.10
N VAL A 351 -1.02 -9.69 -32.09
CA VAL A 351 -1.62 -8.35 -32.07
C VAL A 351 -0.94 -7.37 -33.02
N PHE A 352 0.39 -7.33 -32.99
CA PHE A 352 1.13 -6.37 -33.81
C PHE A 352 1.26 -6.78 -35.27
N LYS A 353 1.09 -8.07 -35.55
CA LYS A 353 1.25 -8.56 -36.92
C LYS A 353 2.63 -8.18 -37.46
N SER A 354 3.66 -8.51 -36.69
CA SER A 354 5.02 -8.23 -37.11
C SER A 354 5.96 -9.03 -36.23
N PRO A 355 7.22 -9.17 -36.66
CA PRO A 355 8.21 -9.84 -35.83
C PRO A 355 8.25 -9.21 -34.44
N VAL A 356 8.48 -10.04 -33.44
CA VAL A 356 8.59 -9.56 -32.06
C VAL A 356 9.72 -10.36 -31.41
N ARG A 357 10.55 -9.69 -30.61
CA ARG A 357 11.58 -10.38 -29.85
C ARG A 357 11.70 -9.76 -28.47
N THR A 358 12.30 -10.50 -27.55
CA THR A 358 12.57 -10.00 -26.21
C THR A 358 13.88 -9.22 -26.20
N GLY A 359 13.85 -7.98 -25.71
CA GLY A 359 15.07 -7.20 -25.60
C GLY A 359 15.81 -7.39 -24.28
N CYS A 360 17.11 -7.65 -24.36
CA CYS A 360 17.98 -7.69 -23.20
C CYS A 360 19.39 -7.37 -23.66
N TYR A 361 20.28 -7.02 -22.75
CA TYR A 361 21.61 -6.61 -23.19
C TYR A 361 22.27 -7.69 -24.05
N ALA A 362 22.13 -8.94 -23.63
CA ALA A 362 22.80 -10.07 -24.28
C ALA A 362 22.47 -10.20 -25.77
N ASN A 363 21.24 -9.86 -26.15
CA ASN A 363 20.83 -9.99 -27.54
C ASN A 363 20.94 -8.69 -28.31
N SER A 364 21.61 -7.69 -27.72
CA SER A 364 22.03 -6.51 -28.47
C SER A 364 23.24 -6.92 -29.28
N ASP A 365 23.83 -6.00 -30.03
CA ASP A 365 25.02 -6.37 -30.80
C ASP A 365 26.30 -5.91 -30.10
N ARG A 366 26.58 -6.49 -28.94
CA ARG A 366 27.74 -6.08 -28.14
C ARG A 366 28.39 -7.25 -27.39
N PRO A 367 29.69 -7.15 -27.11
CA PRO A 367 30.47 -8.25 -26.52
C PRO A 367 29.95 -8.70 -25.16
N SER A 368 30.02 -10.00 -24.90
CA SER A 368 29.58 -10.53 -23.62
C SER A 368 30.29 -9.81 -22.49
N ILE A 369 29.68 -9.79 -21.32
CA ILE A 369 30.29 -9.17 -20.16
C ILE A 369 30.48 -10.20 -19.07
N ILE A 370 31.69 -10.26 -18.51
CA ILE A 370 32.02 -11.27 -17.52
C ILE A 370 31.15 -11.17 -16.28
N ASN A 371 30.54 -12.29 -15.89
CA ASN A 371 29.75 -12.38 -14.66
C ASN A 371 28.37 -11.75 -14.80
N ALA A 372 28.02 -11.35 -16.01
CA ALA A 372 26.71 -10.74 -16.28
C ALA A 372 25.61 -11.73 -16.66
N ASP A 373 25.90 -13.03 -16.64
CA ASP A 373 24.92 -14.02 -17.11
C ASP A 373 23.51 -13.74 -16.57
N GLU A 374 23.40 -13.56 -15.26
CA GLU A 374 22.10 -13.43 -14.62
C GLU A 374 21.36 -12.15 -15.01
N VAL A 375 22.08 -11.08 -15.30
CA VAL A 375 21.41 -9.80 -15.59
C VAL A 375 21.44 -9.41 -17.06
N ALA A 376 22.41 -9.94 -17.81
CA ALA A 376 22.52 -9.59 -19.23
C ALA A 376 21.35 -10.11 -20.05
N ASN A 377 20.72 -11.17 -19.54
CA ASN A 377 19.59 -11.79 -20.21
C ASN A 377 18.26 -11.36 -19.61
N ASP A 378 18.30 -10.38 -18.72
CA ASP A 378 17.10 -9.92 -18.01
C ASP A 378 16.58 -8.63 -18.64
N PRO A 379 15.39 -8.68 -19.26
CA PRO A 379 14.83 -7.47 -19.89
C PRO A 379 14.65 -6.33 -18.89
N SER A 380 14.59 -6.65 -17.60
CA SER A 380 14.46 -5.64 -16.55
C SER A 380 15.70 -4.80 -16.34
N PHE A 381 16.86 -5.33 -16.71
CA PHE A 381 18.13 -4.62 -16.53
C PHE A 381 18.60 -3.88 -17.79
N ALA A 382 17.74 -3.82 -18.80
CA ALA A 382 18.12 -3.21 -20.07
C ALA A 382 18.60 -1.77 -19.92
N ALA A 383 17.84 -0.96 -19.19
CA ALA A 383 18.18 0.46 -19.02
C ALA A 383 19.47 0.60 -18.22
N ALA A 384 19.62 -0.25 -17.21
CA ALA A 384 20.82 -0.19 -16.40
C ALA A 384 22.05 -0.34 -17.29
N PHE A 385 22.02 -1.28 -18.24
CA PHE A 385 23.14 -1.47 -19.17
C PHE A 385 23.25 -0.29 -20.13
N GLY A 386 22.10 0.11 -20.68
CA GLY A 386 22.06 1.18 -21.66
C GLY A 386 22.55 2.50 -21.13
N ASN A 387 22.37 2.74 -19.83
CA ASN A 387 22.84 4.00 -19.25
C ASN A 387 24.32 4.16 -19.51
N VAL A 388 25.01 3.02 -19.54
CA VAL A 388 26.45 3.03 -19.66
C VAL A 388 26.88 2.96 -21.12
N PHE A 389 26.28 2.03 -21.85
CA PHE A 389 26.66 1.81 -23.24
C PHE A 389 25.85 2.67 -24.20
N ALA A 390 25.92 3.97 -24.00
CA ALA A 390 25.24 4.90 -24.88
C ALA A 390 26.25 5.55 -25.82
N THR B 7 15.73 -0.53 24.51
CA THR B 7 14.55 -1.19 25.06
C THR B 7 13.51 -0.18 25.55
N VAL B 8 12.25 -0.41 25.18
CA VAL B 8 11.17 0.44 25.66
C VAL B 8 10.04 -0.43 26.20
N PHE B 9 9.28 0.13 27.13
CA PHE B 9 8.20 -0.63 27.74
C PHE B 9 6.89 0.15 27.65
N TYR B 10 5.78 -0.59 27.56
CA TYR B 10 4.47 0.03 27.50
C TYR B 10 3.56 -0.75 28.41
N THR B 11 2.74 -0.05 29.18
CA THR B 11 1.64 -0.70 29.89
C THR B 11 0.37 -0.24 29.20
N SER B 12 -0.45 -1.21 28.79
CA SER B 12 -1.67 -0.91 28.05
C SER B 12 -2.85 -1.36 28.87
N ILE B 13 -3.78 -0.45 29.08
CA ILE B 13 -4.96 -0.74 29.87
C ILE B 13 -6.15 -0.46 28.96
N ASP B 14 -7.03 -1.45 28.84
CA ASP B 14 -8.24 -1.26 28.07
C ASP B 14 -9.41 -1.37 29.03
N ILE B 15 -10.03 -0.24 29.31
CA ILE B 15 -11.16 -0.20 30.22
C ILE B 15 -12.45 -0.57 29.52
N GLY B 16 -12.99 -1.72 29.87
CA GLY B 16 -14.31 -2.11 29.37
C GLY B 16 -15.35 -1.99 30.47
N SER B 17 -16.62 -2.09 30.09
CA SER B 17 -17.67 -1.98 31.08
C SER B 17 -17.83 -3.26 31.90
N ARG B 18 -17.25 -4.36 31.43
CA ARG B 18 -17.35 -5.62 32.13
C ARG B 18 -15.99 -6.02 32.70
N TYR B 19 -14.95 -5.82 31.90
CA TYR B 19 -13.61 -6.11 32.35
C TYR B 19 -12.65 -4.99 32.01
N ILE B 20 -11.62 -4.83 32.83
CA ILE B 20 -10.48 -4.00 32.48
C ILE B 20 -9.33 -4.93 32.14
N LYS B 21 -8.76 -4.77 30.95
CA LYS B 21 -7.67 -5.65 30.51
C LYS B 21 -6.37 -4.89 30.65
N GLY B 22 -5.32 -5.61 31.01
CA GLY B 22 -4.01 -5.01 31.18
C GLY B 22 -2.95 -5.83 30.47
N LEU B 23 -2.02 -5.15 29.82
CA LEU B 23 -0.97 -5.80 29.06
C LEU B 23 0.30 -5.01 29.22
N VAL B 24 1.42 -5.68 29.50
CA VAL B 24 2.70 -5.01 29.53
C VAL B 24 3.62 -5.56 28.46
N LEU B 25 4.04 -4.70 27.55
CA LEU B 25 4.86 -5.13 26.44
C LEU B 25 6.23 -4.49 26.56
N GLY B 26 7.25 -5.28 26.22
CA GLY B 26 8.59 -4.74 26.10
C GLY B 26 9.06 -4.90 24.67
N LYS B 27 9.71 -3.86 24.15
CA LYS B 27 10.37 -3.94 22.84
C LYS B 27 11.87 -3.64 22.97
N ASP B 29 14.77 -3.59 20.83
CA ASP B 29 13.76 -3.11 19.89
C ASP B 29 13.62 -4.04 18.68
N GLN B 30 12.40 -4.11 18.14
CA GLN B 30 12.05 -4.97 17.02
C GLN B 30 11.97 -6.45 17.41
N GLU B 31 11.89 -6.71 18.71
CA GLU B 31 11.47 -8.02 19.20
C GLU B 31 10.67 -7.82 20.49
N TRP B 32 9.36 -8.05 20.39
CA TRP B 32 8.45 -7.76 21.47
C TRP B 32 8.25 -8.96 22.36
N GLU B 33 7.97 -8.71 23.63
CA GLU B 33 7.56 -9.78 24.52
C GLU B 33 6.36 -9.35 25.33
N ALA B 34 5.49 -10.31 25.62
CA ALA B 34 4.42 -10.08 26.57
C ALA B 34 4.97 -10.39 27.96
N LEU B 35 5.18 -9.34 28.75
CA LEU B 35 5.79 -9.47 30.06
C LEU B 35 4.73 -9.77 31.10
N ALA B 36 3.55 -9.21 30.92
CA ALA B 36 2.47 -9.43 31.87
C ALA B 36 1.12 -9.17 31.20
N PHE B 37 0.08 -9.79 31.75
CA PHE B 37 -1.29 -9.55 31.28
C PHE B 37 -2.29 -10.10 32.26
N SER B 38 -3.42 -9.41 32.38
CA SER B 38 -4.49 -9.88 33.25
C SER B 38 -5.76 -9.12 32.90
N SER B 39 -6.83 -9.49 33.57
CA SER B 39 -8.07 -8.76 33.44
C SER B 39 -8.75 -8.86 34.79
N VAL B 40 -9.48 -7.81 35.14
CA VAL B 40 -10.19 -7.78 36.41
C VAL B 40 -11.62 -7.38 36.14
N LYS B 41 -12.53 -7.73 37.05
CA LYS B 41 -13.89 -7.26 36.96
C LYS B 41 -13.89 -5.75 37.03
N SER B 42 -14.62 -5.14 36.12
CA SER B 42 -14.73 -3.70 36.10
C SER B 42 -15.82 -3.29 37.08
N ARG B 43 -15.46 -2.50 38.08
CA ARG B 43 -16.41 -2.02 39.08
C ARG B 43 -16.49 -0.51 39.07
N GLY B 44 -17.65 0.03 39.42
CA GLY B 44 -17.80 1.47 39.54
C GLY B 44 -18.12 2.11 38.20
N LEU B 45 -18.13 1.27 37.18
CA LEU B 45 -18.45 1.74 35.85
C LEU B 45 -19.83 1.21 35.50
N ASP B 46 -20.74 2.12 35.14
CA ASP B 46 -22.09 1.73 34.75
C ASP B 46 -22.54 2.56 33.55
N GLU B 47 -22.94 1.86 32.48
CA GLU B 47 -23.39 2.50 31.26
C GLU B 47 -22.38 3.49 30.68
N GLY B 48 -21.09 3.18 30.83
CA GLY B 48 -20.05 3.99 30.23
C GLY B 48 -19.50 5.11 31.10
N GLU B 49 -20.13 5.36 32.23
CA GLU B 49 -19.67 6.46 33.09
C GLU B 49 -19.24 5.99 34.48
N ILE B 50 -18.28 6.71 35.06
CA ILE B 50 -17.79 6.40 36.40
C ILE B 50 -18.86 6.84 37.42
N LYS B 51 -19.57 5.88 37.99
CA LYS B 51 -20.60 6.17 38.99
C LYS B 51 -20.12 5.93 40.42
N ASP B 52 -19.00 5.22 40.55
CA ASP B 52 -18.35 5.01 41.82
C ASP B 52 -16.84 4.99 41.63
N ALA B 53 -16.20 6.14 41.84
CA ALA B 53 -14.77 6.31 41.58
C ALA B 53 -13.88 5.57 42.58
N ILE B 54 -14.41 5.32 43.77
CA ILE B 54 -13.70 4.53 44.77
C ILE B 54 -13.61 3.08 44.32
N ALA B 55 -14.74 2.54 43.87
CA ALA B 55 -14.78 1.16 43.37
C ALA B 55 -13.93 1.02 42.11
N PHE B 56 -14.03 2.00 41.22
CA PHE B 56 -13.27 2.00 39.96
C PHE B 56 -11.78 2.06 40.23
N LYS B 57 -11.37 2.98 41.10
CA LYS B 57 -9.96 3.07 41.47
C LYS B 57 -9.49 1.73 42.01
N GLU B 58 -10.28 1.12 42.87
CA GLU B 58 -9.89 -0.17 43.42
C GLU B 58 -9.80 -1.23 42.32
N SER B 59 -10.69 -1.17 41.32
CA SER B 59 -10.62 -2.13 40.21
C SER B 59 -9.31 -1.93 39.44
N VAL B 60 -9.04 -0.70 39.05
CA VAL B 60 -7.82 -0.40 38.31
C VAL B 60 -6.59 -0.79 39.12
N ASN B 61 -6.54 -0.41 40.40
CA ASN B 61 -5.42 -0.79 41.24
C ASN B 61 -5.25 -2.31 41.35
N THR B 62 -6.34 -3.05 41.38
CA THR B 62 -6.25 -4.50 41.45
C THR B 62 -5.52 -5.02 40.21
N LEU B 63 -5.91 -4.53 39.04
CA LEU B 63 -5.20 -4.85 37.80
C LEU B 63 -3.71 -4.46 37.80
N LEU B 64 -3.40 -3.23 38.20
CA LEU B 64 -2.01 -2.80 38.25
C LEU B 64 -1.17 -3.66 39.18
N LYS B 65 -1.75 -4.03 40.31
CA LYS B 65 -1.05 -4.89 41.26
C LYS B 65 -0.77 -6.27 40.66
N GLU B 66 -1.78 -6.86 40.04
CA GLU B 66 -1.58 -8.17 39.42
C GLU B 66 -0.50 -8.09 38.35
N LEU B 67 -0.49 -7.01 37.56
CA LEU B 67 0.55 -6.83 36.55
C LEU B 67 1.96 -6.77 37.17
N GLU B 68 2.10 -5.95 38.21
CA GLU B 68 3.36 -5.82 38.94
C GLU B 68 3.81 -7.15 39.55
N GLU B 69 2.88 -7.95 40.03
CA GLU B 69 3.21 -9.27 40.56
C GLU B 69 3.83 -10.17 39.50
N GLN B 70 3.35 -10.07 38.27
CA GLN B 70 3.89 -10.85 37.16
C GLN B 70 5.24 -10.34 36.69
N LEU B 71 5.49 -9.04 36.86
CA LEU B 71 6.75 -8.44 36.45
C LEU B 71 7.82 -8.62 37.52
N GLN B 72 7.40 -8.68 38.77
CA GLN B 72 8.34 -8.65 39.89
C GLN B 72 9.21 -7.40 39.77
N LYS B 73 8.58 -6.32 39.33
CA LYS B 73 9.27 -5.09 39.01
C LYS B 73 8.30 -3.90 38.97
N SER B 74 8.82 -2.71 39.27
CA SER B 74 8.03 -1.49 39.22
C SER B 74 7.31 -1.36 37.88
N SER B 77 7.33 3.07 33.04
CA SER B 77 7.30 3.41 31.62
C SER B 77 5.96 4.05 31.23
N ASP B 78 5.69 4.17 29.93
CA ASP B 78 4.53 4.92 29.47
C ASP B 78 3.24 4.09 29.48
N PHE B 79 2.12 4.74 29.76
CA PHE B 79 0.82 4.07 29.77
C PHE B 79 -0.01 4.53 28.58
N VAL B 80 -0.68 3.59 27.92
CA VAL B 80 -1.69 3.94 26.93
C VAL B 80 -2.99 3.30 27.42
N ILE B 81 -4.06 4.09 27.47
CA ILE B 81 -5.28 3.62 28.11
C ILE B 81 -6.48 3.91 27.22
N SER B 82 -7.24 2.86 26.92
CA SER B 82 -8.40 3.01 26.06
C SER B 82 -9.69 2.84 26.81
N PHE B 83 -10.75 3.41 26.27
CA PHE B 83 -12.10 3.21 26.82
C PHE B 83 -13.14 3.20 25.71
N SER B 84 -14.33 2.69 26.04
CA SER B 84 -15.44 2.67 25.10
C SER B 84 -16.47 3.75 25.40
N SER B 85 -17.11 4.27 24.36
CA SER B 85 -18.19 5.23 24.53
C SER B 85 -19.02 5.28 23.27
N VAL B 86 -20.34 5.43 23.43
CA VAL B 86 -21.20 5.57 22.26
C VAL B 86 -21.01 6.94 21.58
N SER B 87 -20.35 7.86 22.28
CA SER B 87 -20.22 9.22 21.77
C SER B 87 -19.02 9.46 20.86
N PHE B 88 -18.23 8.43 20.55
CA PHE B 88 -17.12 8.65 19.61
C PHE B 88 -17.62 9.05 18.21
N GLU B 89 -16.98 10.04 17.62
CA GLU B 89 -17.39 10.55 16.30
C GLU B 89 -16.18 10.86 15.44
N ARG B 90 -16.38 10.83 14.13
CA ARG B 90 -15.35 11.30 13.19
C ARG B 90 -15.52 12.79 12.90
N GLU B 91 -14.43 13.54 12.90
CA GLU B 91 -14.48 14.96 12.56
C GLU B 91 -13.22 15.27 11.77
N ASP B 92 -13.36 15.99 10.67
CA ASP B 92 -12.20 16.34 9.85
C ASP B 92 -11.84 17.80 9.98
N THR B 93 -10.60 18.14 9.64
CA THR B 93 -10.25 19.54 9.55
C THR B 93 -9.08 19.69 8.58
N VAL B 94 -8.86 20.91 8.13
CA VAL B 94 -7.74 21.19 7.26
C VAL B 94 -6.90 22.27 7.90
N ILE B 95 -5.58 22.11 7.84
CA ILE B 95 -4.69 23.16 8.31
C ILE B 95 -3.82 23.55 7.14
N GLU B 96 -3.72 24.86 6.91
CA GLU B 96 -2.96 25.35 5.77
C GLU B 96 -1.85 26.28 6.22
N ARG B 97 -0.70 26.19 5.57
CA ARG B 97 0.38 27.11 5.84
C ARG B 97 0.87 27.67 4.51
N ASP B 98 1.04 29.00 4.45
CA ASP B 98 1.47 29.67 3.23
C ASP B 98 2.79 30.37 3.52
N PHE B 99 3.84 29.96 2.81
CA PHE B 99 5.18 30.50 3.09
C PHE B 99 5.49 31.66 2.16
N GLY B 100 4.47 32.11 1.45
CA GLY B 100 4.63 33.22 0.53
C GLY B 100 5.52 32.93 -0.65
N GLU B 101 6.37 33.89 -0.98
CA GLU B 101 7.08 33.93 -2.25
C GLU B 101 8.26 32.94 -2.41
N GLU B 102 8.80 32.43 -1.30
CA GLU B 102 9.92 31.50 -1.38
C GLU B 102 9.55 30.12 -0.82
N LYS B 103 9.97 29.05 -1.49
CA LYS B 103 9.64 27.70 -1.01
C LYS B 103 10.42 27.31 0.23
N ARG B 104 9.78 26.62 1.17
CA ARG B 104 10.43 26.22 2.41
C ARG B 104 10.49 24.70 2.50
N SER B 105 11.54 24.18 3.15
CA SER B 105 11.58 22.76 3.45
C SER B 105 10.56 22.46 4.54
N ILE B 106 9.77 21.42 4.32
CA ILE B 106 8.82 20.97 5.31
C ILE B 106 9.53 20.08 6.33
N THR B 107 9.53 20.55 7.58
CA THR B 107 10.28 19.91 8.64
C THR B 107 9.35 19.21 9.61
N LEU B 108 9.94 18.44 10.52
CA LEU B 108 9.16 17.82 11.60
C LEU B 108 8.54 18.90 12.50
N ASP B 109 9.28 19.98 12.75
CA ASP B 109 8.75 21.08 13.57
C ASP B 109 7.54 21.69 12.91
N ILE B 110 7.61 21.86 11.59
CA ILE B 110 6.48 22.41 10.85
C ILE B 110 5.28 21.47 10.93
N LEU B 111 5.49 20.18 10.66
CA LEU B 111 4.39 19.20 10.74
C LEU B 111 3.80 19.07 12.13
N SER B 112 4.67 19.13 13.14
CA SER B 112 4.24 19.05 14.52
C SER B 112 3.38 20.26 14.88
N GLU B 113 3.83 21.44 14.46
CA GLU B 113 3.08 22.67 14.72
C GLU B 113 1.69 22.63 14.06
N MET B 114 1.64 22.12 12.83
CA MET B 114 0.38 22.06 12.10
C MET B 114 -0.60 21.08 12.74
N GLN B 115 -0.10 19.94 13.20
CA GLN B 115 -0.97 18.97 13.87
C GLN B 115 -1.49 19.53 15.19
N SER B 116 -0.63 20.24 15.91
CA SER B 116 -1.07 20.92 17.14
C SER B 116 -2.18 21.93 16.88
N GLU B 117 -2.07 22.67 15.78
CA GLU B 117 -3.13 23.56 15.34
C GLU B 117 -4.42 22.78 15.07
N ALA B 118 -4.32 21.68 14.34
CA ALA B 118 -5.49 20.83 14.07
C ALA B 118 -6.17 20.35 15.35
N LEU B 119 -5.37 19.87 16.29
CA LEU B 119 -5.92 19.37 17.55
C LEU B 119 -6.66 20.48 18.29
N GLU B 120 -6.09 21.68 18.28
CA GLU B 120 -6.76 22.82 18.92
C GLU B 120 -8.01 23.25 18.16
N LYS B 121 -8.03 23.06 16.85
CA LYS B 121 -9.22 23.40 16.07
C LYS B 121 -10.33 22.39 16.26
N LEU B 122 -9.96 21.12 16.41
CA LEU B 122 -10.93 20.03 16.55
C LEU B 122 -11.66 20.10 17.89
N LYS B 123 -11.18 20.97 18.77
CA LYS B 123 -11.86 21.24 20.01
C LYS B 123 -12.99 22.25 19.79
N GLU B 124 -14.08 21.75 19.22
CA GLU B 124 -15.26 22.58 18.99
C GLU B 124 -16.56 21.80 19.25
N ASN B 125 -17.62 22.54 19.53
CA ASN B 125 -18.92 21.95 19.82
C ASN B 125 -18.86 21.06 21.07
N GLY B 126 -17.94 21.37 21.97
CA GLY B 126 -17.81 20.65 23.23
C GLY B 126 -17.21 19.25 23.12
N LYS B 127 -16.38 19.04 22.10
CA LYS B 127 -15.75 17.74 21.85
C LYS B 127 -14.23 17.89 21.79
N THR B 128 -13.51 16.79 21.93
CA THR B 128 -12.03 16.80 21.94
C THR B 128 -11.45 15.55 21.26
N PRO B 129 -10.34 15.72 20.52
CA PRO B 129 -9.82 14.61 19.72
C PRO B 129 -8.97 13.61 20.52
N LEU B 130 -9.19 12.30 20.29
CA LEU B 130 -8.37 11.22 20.87
C LEU B 130 -7.44 10.58 19.85
N HIS B 131 -7.83 10.59 18.58
CA HIS B 131 -6.99 10.08 17.50
C HIS B 131 -7.00 11.09 16.38
N ILE B 132 -5.83 11.33 15.79
CA ILE B 132 -5.78 12.17 14.59
C ILE B 132 -4.92 11.47 13.55
N PHE B 133 -5.43 11.43 12.31
CA PHE B 133 -4.70 10.86 11.18
C PHE B 133 -4.57 11.93 10.09
N SER B 134 -3.39 12.04 9.47
CA SER B 134 -3.29 12.90 8.29
C SER B 134 -3.88 12.16 7.09
N LYS B 135 -4.91 12.74 6.47
CA LYS B 135 -5.63 12.06 5.39
C LYS B 135 -5.05 12.40 4.03
N ARG B 136 -4.70 13.68 3.85
CA ARG B 136 -4.21 14.17 2.58
C ARG B 136 -3.19 15.30 2.80
N TYR B 137 -2.13 15.27 2.03
CA TYR B 137 -1.15 16.34 2.01
C TYR B 137 -1.17 17.00 0.63
N LEU B 138 -1.36 18.32 0.59
CA LEU B 138 -1.38 19.05 -0.68
C LEU B 138 -0.34 20.16 -0.71
N LEU B 139 0.57 20.09 -1.67
CA LEU B 139 1.62 21.11 -1.78
C LEU B 139 1.34 22.07 -2.93
N ASP B 140 1.59 23.37 -2.67
CA ASP B 140 1.46 24.40 -3.70
C ASP B 140 0.14 24.34 -4.45
N ASP B 141 -0.94 24.03 -3.75
CA ASP B 141 -2.28 23.93 -4.33
C ASP B 141 -2.44 22.92 -5.47
N GLU B 142 -1.44 22.08 -5.71
CA GLU B 142 -1.55 21.20 -6.88
C GLU B 142 -1.10 19.75 -6.66
N ARG B 143 0.00 19.58 -5.91
CA ARG B 143 0.64 18.27 -5.78
C ARG B 143 0.22 17.55 -4.51
N ILE B 144 -0.32 16.34 -4.66
CA ILE B 144 -0.66 15.50 -3.52
C ILE B 144 0.48 14.54 -3.22
N VAL B 145 0.90 14.48 -1.96
CA VAL B 145 1.97 13.58 -1.55
C VAL B 145 1.54 12.75 -0.35
N PHE B 146 2.29 11.70 -0.03
CA PHE B 146 1.94 10.80 1.06
C PHE B 146 2.74 11.12 2.29
N ASN B 147 3.86 11.79 2.08
CA ASN B 147 4.73 12.22 3.15
C ASN B 147 5.42 13.46 2.65
N PRO B 148 5.17 14.60 3.31
CA PRO B 148 5.76 15.86 2.85
C PRO B 148 7.16 16.10 3.44
N LEU B 149 7.62 15.22 4.32
CA LEU B 149 8.87 15.46 5.02
C LEU B 149 10.04 15.64 4.05
N ASP B 150 10.81 16.71 4.23
CA ASP B 150 11.98 16.98 3.39
C ASP B 150 11.62 17.47 1.99
N MET B 151 10.34 17.72 1.74
CA MET B 151 9.99 18.35 0.48
C MET B 151 9.97 19.87 0.68
N LYS B 152 10.05 20.60 -0.43
CA LYS B 152 9.99 22.07 -0.39
C LYS B 152 8.69 22.56 -1.03
N ALA B 153 8.01 23.48 -0.35
CA ALA B 153 6.78 24.02 -0.89
C ALA B 153 6.58 25.47 -0.46
N SER B 154 5.82 26.23 -1.25
CA SER B 154 5.39 27.58 -0.91
C SER B 154 4.12 27.55 -0.07
N LYS B 155 3.33 26.48 -0.25
CA LYS B 155 2.09 26.28 0.49
C LYS B 155 1.91 24.80 0.81
N ILE B 156 1.42 24.52 2.00
CA ILE B 156 1.05 23.14 2.34
C ILE B 156 -0.29 23.14 3.06
N ALA B 157 -1.19 22.28 2.61
CA ALA B 157 -2.48 22.11 3.26
C ALA B 157 -2.60 20.64 3.64
N ILE B 158 -2.89 20.39 4.91
CA ILE B 158 -3.06 19.01 5.37
C ILE B 158 -4.52 18.81 5.80
N GLU B 159 -5.13 17.75 5.28
CA GLU B 159 -6.45 17.34 5.70
C GLU B 159 -6.25 16.23 6.73
N TYR B 160 -6.82 16.43 7.90
CA TYR B 160 -6.77 15.43 8.97
C TYR B 160 -8.14 14.84 9.24
N THR B 161 -8.15 13.55 9.57
CA THR B 161 -9.35 12.91 10.12
C THR B 161 -9.05 12.59 11.57
N SER B 162 -10.05 12.77 12.43
CA SER B 162 -9.86 12.51 13.84
C SER B 162 -11.07 11.78 14.40
N ILE B 163 -10.84 11.06 15.49
CA ILE B 163 -11.93 10.44 16.23
C ILE B 163 -12.04 11.25 17.50
N VAL B 164 -13.19 11.87 17.73
CA VAL B 164 -13.37 12.74 18.89
C VAL B 164 -14.41 12.21 19.84
N VAL B 165 -14.42 12.78 21.05
CA VAL B 165 -15.33 12.36 22.11
C VAL B 165 -15.76 13.63 22.84
N PRO B 166 -16.97 13.64 23.44
CA PRO B 166 -17.34 14.84 24.19
C PRO B 166 -16.34 15.13 25.31
N LEU B 167 -16.06 16.42 25.53
CA LEU B 167 -15.09 16.84 26.53
C LEU B 167 -15.42 16.34 27.94
N LYS B 168 -16.70 16.32 28.28
CA LYS B 168 -17.15 15.79 29.57
C LYS B 168 -16.63 14.37 29.75
N VAL B 169 -16.79 13.56 28.70
CA VAL B 169 -16.41 12.15 28.73
C VAL B 169 -14.91 12.01 28.90
N TYR B 170 -14.15 12.71 28.07
CA TYR B 170 -12.70 12.71 28.16
C TYR B 170 -12.24 13.06 29.58
N GLU B 171 -12.83 14.11 30.14
CA GLU B 171 -12.39 14.65 31.42
C GLU B 171 -12.69 13.74 32.59
N MET B 172 -13.83 13.06 32.51
CA MET B 172 -14.23 12.07 33.50
C MET B 172 -13.09 11.06 33.63
N PHE B 173 -12.71 10.45 32.51
CA PHE B 173 -11.65 9.44 32.55
C PHE B 173 -10.28 10.02 32.89
N TYR B 174 -9.93 11.13 32.24
CA TYR B 174 -8.61 11.73 32.46
C TYR B 174 -8.39 12.08 33.92
N ASN B 175 -9.32 12.81 34.51
CA ASN B 175 -9.16 13.30 35.88
C ASN B 175 -8.96 12.14 36.84
N PHE B 176 -9.70 11.07 36.62
CA PHE B 176 -9.63 9.93 37.51
C PHE B 176 -8.33 9.14 37.35
N LEU B 177 -7.90 8.95 36.11
CA LEU B 177 -6.69 8.18 35.84
C LEU B 177 -5.44 8.95 36.29
N GLN B 178 -5.47 10.27 36.13
CA GLN B 178 -4.37 11.14 36.57
C GLN B 178 -3.96 10.90 38.02
N ASP B 179 -4.95 10.65 38.88
CA ASP B 179 -4.69 10.42 40.30
C ASP B 179 -4.52 8.95 40.64
N THR B 180 -4.56 8.08 39.63
CA THR B 180 -4.48 6.64 39.90
C THR B 180 -3.25 6.02 39.29
N VAL B 181 -2.94 6.43 38.06
CA VAL B 181 -1.80 5.91 37.35
C VAL B 181 -0.60 6.80 37.68
N LYS B 182 0.55 6.19 37.92
CA LYS B 182 1.70 6.96 38.39
C LYS B 182 2.71 7.18 37.30
N SER B 183 2.23 7.18 36.06
CA SER B 183 3.10 7.40 34.91
C SER B 183 2.39 8.31 33.93
N PRO B 184 3.15 8.90 33.00
CA PRO B 184 2.47 9.63 31.93
C PRO B 184 1.56 8.67 31.17
N PHE B 185 0.42 9.15 30.67
CA PHE B 185 -0.47 8.30 29.88
C PHE B 185 -1.18 9.08 28.77
N GLN B 186 -1.64 8.35 27.73
CA GLN B 186 -2.45 8.94 26.66
C GLN B 186 -3.77 8.16 26.59
N LEU B 187 -4.90 8.85 26.41
CA LEU B 187 -6.21 8.15 26.24
C LEU B 187 -6.54 7.84 24.78
N LYS B 188 -7.14 6.67 24.56
CA LYS B 188 -7.50 6.22 23.23
C LYS B 188 -8.91 5.65 23.17
N SER B 189 -9.45 5.52 21.97
CA SER B 189 -10.72 4.81 21.76
C SER B 189 -10.48 3.30 21.70
N SER B 190 -11.22 2.53 22.51
CA SER B 190 -11.01 1.08 22.48
C SER B 190 -11.38 0.54 21.10
N LEU B 191 -12.40 1.14 20.50
CA LEU B 191 -12.88 0.66 19.20
C LEU B 191 -11.82 0.90 18.13
N VAL B 192 -11.17 2.06 18.17
CA VAL B 192 -10.13 2.36 17.23
C VAL B 192 -8.92 1.44 17.47
N SER B 193 -8.56 1.28 18.74
CA SER B 193 -7.44 0.42 19.08
C SER B 193 -7.71 -1.04 18.71
N THR B 194 -8.97 -1.46 18.80
CA THR B 194 -9.32 -2.82 18.44
C THR B 194 -9.04 -3.03 16.96
N ALA B 195 -9.51 -2.10 16.14
CA ALA B 195 -9.27 -2.17 14.70
C ALA B 195 -7.78 -2.25 14.41
N GLU B 196 -7.02 -1.36 15.05
CA GLU B 196 -5.57 -1.32 14.82
C GLU B 196 -4.89 -2.63 15.27
N GLY B 197 -5.47 -3.28 16.26
CA GLY B 197 -4.91 -4.52 16.76
C GLY B 197 -5.25 -5.78 15.99
N VAL B 198 -6.27 -5.72 15.11
CA VAL B 198 -6.75 -6.93 14.42
C VAL B 198 -6.65 -6.90 12.88
N LEU B 199 -6.75 -5.72 12.29
CA LEU B 199 -6.82 -5.60 10.83
C LEU B 199 -5.47 -5.78 10.12
N THR B 200 -5.50 -6.33 8.90
CA THR B 200 -4.28 -6.37 8.07
C THR B 200 -4.16 -5.09 7.26
N THR B 201 -2.96 -4.78 6.79
CA THR B 201 -2.79 -3.58 6.00
C THR B 201 -3.68 -3.59 4.75
N PRO B 202 -3.75 -4.73 4.04
CA PRO B 202 -4.62 -4.74 2.85
C PRO B 202 -6.11 -4.57 3.19
N GLU B 203 -6.55 -5.10 4.34
CA GLU B 203 -7.91 -4.87 4.80
C GLU B 203 -8.13 -3.37 5.06
N LYS B 204 -7.22 -2.76 5.81
CA LYS B 204 -7.35 -1.34 6.14
C LYS B 204 -7.33 -0.46 4.90
N ASP B 205 -6.64 -0.92 3.85
CA ASP B 205 -6.51 -0.17 2.60
C ASP B 205 -7.73 -0.37 1.70
N ARG B 206 -8.07 -1.62 1.43
CA ARG B 206 -9.10 -1.93 0.45
C ARG B 206 -10.52 -1.66 0.98
N GLY B 207 -10.70 -1.83 2.29
CA GLY B 207 -11.99 -1.59 2.91
C GLY B 207 -12.43 -2.76 3.75
N VAL B 208 -12.84 -2.46 4.99
CA VAL B 208 -13.18 -3.52 5.93
C VAL B 208 -14.01 -2.93 7.05
N VAL B 209 -14.83 -3.77 7.68
CA VAL B 209 -15.68 -3.35 8.79
C VAL B 209 -15.40 -4.21 10.02
N VAL B 210 -15.25 -3.55 11.16
CA VAL B 210 -15.02 -4.24 12.42
C VAL B 210 -16.27 -4.06 13.24
N VAL B 211 -16.78 -5.18 13.75
CA VAL B 211 -17.94 -5.20 14.63
C VAL B 211 -17.48 -5.69 16.00
N ASN B 212 -17.51 -4.79 16.99
CA ASN B 212 -16.97 -5.11 18.30
C ASN B 212 -18.11 -5.49 19.23
N LEU B 213 -18.12 -6.77 19.61
CA LEU B 213 -19.23 -7.30 20.37
C LEU B 213 -18.94 -7.09 21.83
N GLY B 214 -19.05 -5.83 22.26
CA GLY B 214 -18.80 -5.46 23.64
C GLY B 214 -19.99 -5.64 24.57
N TYR B 215 -19.86 -5.14 25.80
CA TYR B 215 -20.84 -5.43 26.86
C TYR B 215 -22.12 -4.59 26.77
N ASN B 216 -22.01 -3.28 26.90
CA ASN B 216 -23.21 -2.43 26.89
C ASN B 216 -23.78 -2.20 25.50
N PHE B 217 -22.91 -2.30 24.51
CA PHE B 217 -23.31 -2.00 23.14
C PHE B 217 -22.31 -2.57 22.15
N THR B 218 -22.67 -2.55 20.88
CA THR B 218 -21.82 -3.12 19.84
C THR B 218 -21.21 -1.97 19.07
N GLY B 219 -19.88 -1.92 19.06
CA GLY B 219 -19.15 -0.85 18.42
C GLY B 219 -18.92 -1.18 16.96
N LEU B 220 -18.93 -0.15 16.11
CA LEU B 220 -18.86 -0.32 14.66
C LEU B 220 -17.86 0.67 14.08
N ILE B 221 -16.87 0.14 13.36
CA ILE B 221 -15.90 1.02 12.75
C ILE B 221 -15.51 0.47 11.39
N ALA B 222 -15.29 1.38 10.43
CA ALA B 222 -14.90 0.98 9.08
C ALA B 222 -13.64 1.75 8.69
N TYR B 223 -12.77 1.04 7.98
CA TYR B 223 -11.54 1.62 7.49
C TYR B 223 -11.54 1.57 5.97
N LYS B 224 -10.98 2.62 5.37
CA LYS B 224 -10.69 2.65 3.94
C LYS B 224 -9.48 3.57 3.73
N ASN B 225 -8.54 3.12 2.89
CA ASN B 225 -7.33 3.88 2.63
C ASN B 225 -6.47 4.06 3.88
N GLY B 226 -6.53 3.09 4.80
CA GLY B 226 -5.68 3.09 5.98
C GLY B 226 -6.18 3.89 7.18
N VAL B 227 -7.33 4.56 7.04
CA VAL B 227 -7.85 5.37 8.15
C VAL B 227 -9.30 4.98 8.43
N PRO B 228 -9.79 5.30 9.64
CA PRO B 228 -11.23 5.09 9.87
C PRO B 228 -12.06 6.09 9.06
N ILE B 229 -13.11 5.61 8.42
CA ILE B 229 -13.97 6.47 7.61
C ILE B 229 -15.37 6.62 8.20
N LYS B 230 -15.75 5.66 9.05
CA LYS B 230 -17.05 5.73 9.71
C LYS B 230 -16.95 5.07 11.09
N ILE B 231 -17.57 5.68 12.09
CA ILE B 231 -17.60 5.10 13.43
C ILE B 231 -19.00 5.25 14.05
N SER B 232 -19.54 4.17 14.61
CA SER B 232 -20.85 4.26 15.20
C SER B 232 -21.08 3.08 16.12
N TYR B 233 -22.35 2.79 16.41
CA TYR B 233 -22.64 1.71 17.34
C TYR B 233 -24.09 1.27 17.22
N VAL B 234 -24.39 0.13 17.82
CA VAL B 234 -25.77 -0.31 17.98
C VAL B 234 -25.98 -0.50 19.49
N PRO B 235 -27.09 0.03 20.05
CA PRO B 235 -27.29 0.03 21.51
C PRO B 235 -27.69 -1.32 22.08
N VAL B 236 -27.15 -2.39 21.53
CA VAL B 236 -27.43 -3.74 22.02
C VAL B 236 -26.10 -4.48 22.05
N GLY B 237 -25.83 -5.17 23.15
CA GLY B 237 -24.55 -5.79 23.34
C GLY B 237 -24.63 -7.10 24.11
N MET B 238 -23.49 -7.57 24.60
CA MET B 238 -23.49 -8.88 25.26
C MET B 238 -24.27 -8.81 26.59
N LYS B 239 -24.39 -7.61 27.15
CA LYS B 239 -25.17 -7.45 28.38
C LYS B 239 -26.59 -7.93 28.15
N HIS B 240 -27.10 -7.68 26.94
CA HIS B 240 -28.45 -8.07 26.59
C HIS B 240 -28.59 -9.58 26.33
N VAL B 241 -27.53 -10.21 25.83
CA VAL B 241 -27.52 -11.66 25.71
C VAL B 241 -27.62 -12.28 27.11
N ILE B 242 -26.74 -11.83 28.01
CA ILE B 242 -26.76 -12.32 29.39
C ILE B 242 -28.14 -12.07 30.05
N LYS B 243 -28.66 -10.86 29.93
CA LYS B 243 -30.00 -10.55 30.40
C LYS B 243 -31.11 -11.47 29.88
N ASP B 244 -31.07 -11.77 28.58
CA ASP B 244 -32.07 -12.66 28.02
C ASP B 244 -31.94 -14.05 28.62
N VAL B 245 -30.72 -14.55 28.76
CA VAL B 245 -30.52 -15.89 29.33
C VAL B 245 -30.99 -15.91 30.77
N SER B 246 -30.67 -14.86 31.51
CA SER B 246 -31.10 -14.77 32.92
C SER B 246 -32.60 -14.76 33.01
N ALA B 247 -33.23 -13.94 32.18
CA ALA B 247 -34.68 -13.80 32.19
C ALA B 247 -35.37 -15.09 31.77
N VAL B 248 -34.90 -15.70 30.70
CA VAL B 248 -35.58 -16.88 30.19
C VAL B 248 -35.37 -18.13 31.06
N LEU B 249 -34.15 -18.32 31.56
CA LEU B 249 -33.85 -19.50 32.37
C LEU B 249 -34.19 -19.26 33.85
N ASP B 250 -34.55 -18.03 34.18
CA ASP B 250 -34.87 -17.66 35.56
C ASP B 250 -33.65 -17.86 36.47
N THR B 251 -32.56 -17.18 36.16
CA THR B 251 -31.33 -17.38 36.93
C THR B 251 -30.58 -16.07 37.13
N SER B 252 -29.46 -16.13 37.85
CA SER B 252 -28.68 -14.94 38.12
C SER B 252 -27.89 -14.50 36.89
N PHE B 253 -27.45 -13.26 36.91
CA PHE B 253 -26.60 -12.71 35.86
C PHE B 253 -25.30 -13.53 35.78
N GLU B 254 -24.75 -13.87 36.95
CA GLU B 254 -23.54 -14.67 37.05
C GLU B 254 -23.70 -16.04 36.40
N GLU B 255 -24.81 -16.70 36.69
CA GLU B 255 -25.05 -18.02 36.13
C GLU B 255 -25.27 -17.95 34.61
N SER B 256 -25.98 -16.93 34.15
CA SER B 256 -26.18 -16.73 32.72
C SER B 256 -24.85 -16.59 32.01
N GLU B 257 -24.01 -15.70 32.52
CA GLU B 257 -22.72 -15.46 31.89
C GLU B 257 -21.91 -16.74 31.83
N ARG B 258 -21.88 -17.47 32.94
CA ARG B 258 -21.21 -18.77 32.98
C ARG B 258 -21.71 -19.72 31.90
N LEU B 259 -23.04 -19.88 31.82
CA LEU B 259 -23.63 -20.76 30.83
C LEU B 259 -23.24 -20.36 29.41
N ILE B 260 -23.26 -19.05 29.15
CA ILE B 260 -22.95 -18.54 27.82
C ILE B 260 -21.48 -18.79 27.47
N ILE B 261 -20.58 -18.45 28.38
CA ILE B 261 -19.15 -18.63 28.15
C ILE B 261 -18.80 -20.10 28.01
N THR B 262 -19.43 -20.94 28.83
CA THR B 262 -19.07 -22.34 28.93
C THR B 262 -19.83 -23.29 28.00
N HIS B 263 -21.06 -22.93 27.63
CA HIS B 263 -21.91 -23.86 26.88
C HIS B 263 -22.60 -23.21 25.67
N GLY B 264 -22.36 -21.93 25.47
CA GLY B 264 -23.09 -21.21 24.44
C GLY B 264 -22.69 -21.59 23.04
N ASN B 265 -23.62 -21.40 22.11
CA ASN B 265 -23.37 -21.56 20.69
C ASN B 265 -24.26 -20.57 19.97
N ALA B 266 -23.79 -20.03 18.86
CA ALA B 266 -24.58 -19.07 18.09
C ALA B 266 -25.55 -19.77 17.14
N VAL B 267 -25.30 -21.05 16.88
CA VAL B 267 -26.10 -21.85 15.95
C VAL B 267 -26.77 -22.98 16.71
N TYR B 268 -28.09 -23.09 16.61
CA TYR B 268 -28.80 -24.06 17.44
C TYR B 268 -29.42 -25.22 16.67
N ASN B 269 -29.70 -25.01 15.39
CA ASN B 269 -30.55 -25.91 14.62
C ASN B 269 -30.04 -27.35 14.54
N ASP B 270 -28.72 -27.54 14.56
CA ASP B 270 -28.12 -28.87 14.43
C ASP B 270 -27.68 -29.47 15.77
N LEU B 271 -28.02 -28.82 16.88
CA LEU B 271 -27.53 -29.30 18.17
C LEU B 271 -28.32 -30.51 18.66
N LYS B 272 -27.60 -31.51 19.15
CA LYS B 272 -28.25 -32.67 19.75
C LYS B 272 -28.63 -32.40 21.20
N GLU B 273 -29.44 -33.28 21.76
CA GLU B 273 -29.91 -33.14 23.13
C GLU B 273 -28.76 -33.35 24.13
N GLU B 274 -28.44 -32.30 24.88
CA GLU B 274 -27.47 -32.37 25.96
C GLU B 274 -28.00 -31.56 27.14
N GLU B 275 -28.23 -32.21 28.27
CA GLU B 275 -28.76 -31.49 29.43
C GLU B 275 -27.66 -30.69 30.11
N ILE B 276 -28.05 -29.53 30.64
CA ILE B 276 -27.13 -28.60 31.27
C ILE B 276 -27.75 -28.10 32.56
N GLN B 277 -26.99 -28.17 33.64
CA GLN B 277 -27.51 -27.78 34.95
C GLN B 277 -27.09 -26.37 35.28
N TYR B 278 -27.94 -25.68 36.03
CA TYR B 278 -27.58 -24.37 36.55
C TYR B 278 -28.34 -24.15 37.85
N ARG B 279 -27.98 -23.09 38.56
CA ARG B 279 -28.63 -22.76 39.82
C ARG B 279 -29.79 -21.80 39.60
N GLY B 280 -30.93 -22.12 40.19
CA GLY B 280 -32.08 -21.25 40.16
C GLY B 280 -31.78 -19.93 40.85
N LEU B 281 -32.80 -19.08 40.90
CA LEU B 281 -32.69 -17.75 41.50
C LEU B 281 -32.18 -17.80 42.94
N ASP B 282 -32.79 -18.66 43.77
CA ASP B 282 -32.44 -18.73 45.19
C ASP B 282 -30.95 -18.97 45.43
N GLY B 283 -30.23 -19.31 44.36
CA GLY B 283 -28.80 -19.56 44.43
C GLY B 283 -28.49 -21.02 44.70
N ASN B 284 -29.52 -21.79 45.02
CA ASN B 284 -29.35 -23.16 45.47
C ASN B 284 -30.03 -24.23 44.62
N THR B 285 -31.29 -24.01 44.30
CA THR B 285 -32.08 -24.98 43.53
C THR B 285 -31.36 -25.39 42.26
N ILE B 286 -31.39 -26.69 41.98
CA ILE B 286 -30.79 -27.22 40.76
C ILE B 286 -31.84 -27.27 39.64
N LYS B 287 -31.52 -26.59 38.54
CA LYS B 287 -32.42 -26.57 37.39
C LYS B 287 -31.68 -27.13 36.18
N THR B 288 -32.43 -27.46 35.14
CA THR B 288 -31.85 -28.08 33.96
C THR B 288 -32.38 -27.41 32.71
N THR B 289 -31.49 -27.11 31.77
CA THR B 289 -31.90 -26.71 30.43
C THR B 289 -31.18 -27.62 29.42
N THR B 290 -31.22 -27.27 28.14
CA THR B 290 -30.50 -28.03 27.14
C THR B 290 -29.56 -27.11 26.37
N ALA B 291 -28.56 -27.70 25.72
CA ALA B 291 -27.64 -26.93 24.91
C ALA B 291 -28.40 -26.13 23.85
N LYS B 292 -29.44 -26.75 23.29
CA LYS B 292 -30.19 -26.14 22.21
C LYS B 292 -30.99 -24.94 22.68
N LYS B 293 -31.68 -25.08 23.81
CA LYS B 293 -32.48 -23.98 24.32
C LYS B 293 -31.62 -22.78 24.69
N LEU B 294 -30.48 -23.05 25.34
CA LEU B 294 -29.55 -21.98 25.69
C LEU B 294 -29.11 -21.28 24.40
N SER B 295 -28.82 -22.05 23.37
CA SER B 295 -28.31 -21.50 22.14
C SER B 295 -29.38 -20.71 21.38
N VAL B 296 -30.63 -21.16 21.45
CA VAL B 296 -31.71 -20.41 20.82
C VAL B 296 -31.81 -19.01 21.40
N ILE B 297 -31.75 -18.93 22.73
CA ILE B 297 -31.84 -17.64 23.41
C ILE B 297 -30.68 -16.72 22.97
N ILE B 298 -29.47 -17.29 22.95
CA ILE B 298 -28.28 -16.55 22.50
C ILE B 298 -28.38 -16.15 21.03
N HIS B 299 -28.64 -17.13 20.17
CA HIS B 299 -28.86 -16.89 18.75
C HIS B 299 -29.77 -15.69 18.49
N ALA B 300 -30.94 -15.67 19.12
CA ALA B 300 -31.89 -14.61 18.84
C ALA B 300 -31.35 -13.20 19.12
N ARG B 301 -30.61 -13.05 20.22
CA ARG B 301 -30.10 -11.74 20.57
C ARG B 301 -28.94 -11.37 19.66
N LEU B 302 -28.14 -12.36 19.27
CA LEU B 302 -26.99 -12.10 18.40
C LEU B 302 -27.49 -11.74 17.01
N ARG B 303 -28.60 -12.36 16.59
CA ARG B 303 -29.21 -12.04 15.31
C ARG B 303 -29.70 -10.62 15.32
N GLU B 304 -30.31 -10.21 16.44
CA GLU B 304 -30.73 -8.82 16.58
C GLU B 304 -29.55 -7.88 16.43
N ILE B 305 -28.45 -8.20 17.12
CA ILE B 305 -27.26 -7.33 17.03
C ILE B 305 -26.75 -7.18 15.61
N MET B 306 -26.60 -8.30 14.92
CA MET B 306 -26.06 -8.26 13.55
C MET B 306 -27.05 -7.60 12.58
N SER B 307 -28.34 -7.83 12.77
CA SER B 307 -29.36 -7.24 11.89
C SER B 307 -29.36 -5.73 12.00
N LYS B 308 -29.20 -5.24 13.23
CA LYS B 308 -29.16 -3.81 13.45
C LYS B 308 -27.84 -3.21 12.94
N SER B 309 -26.79 -4.01 12.94
CA SER B 309 -25.49 -3.55 12.46
C SER B 309 -25.41 -3.51 10.94
N LYS B 310 -26.41 -4.07 10.28
CA LYS B 310 -26.35 -4.24 8.84
C LYS B 310 -26.55 -2.92 8.16
N LYS B 311 -27.29 -2.03 8.81
CA LYS B 311 -27.49 -0.69 8.29
C LYS B 311 -26.13 0.01 8.11
N PHE B 312 -25.30 -0.03 9.15
CA PHE B 312 -23.97 0.52 9.11
C PHE B 312 -23.19 -0.10 7.96
N PHE B 313 -23.24 -1.42 7.86
CA PHE B 313 -22.54 -2.16 6.83
C PHE B 313 -22.96 -1.69 5.42
N ARG B 314 -24.26 -1.55 5.21
CA ARG B 314 -24.74 -1.11 3.90
C ARG B 314 -24.31 0.31 3.56
N GLU B 315 -24.32 1.21 4.55
CA GLU B 315 -23.90 2.59 4.34
C GLU B 315 -22.41 2.72 4.01
N VAL B 316 -21.58 1.91 4.66
CA VAL B 316 -20.15 1.90 4.36
C VAL B 316 -19.93 1.26 2.99
N GLU B 317 -20.72 0.24 2.69
CA GLU B 317 -20.60 -0.44 1.42
C GLU B 317 -20.83 0.54 0.28
N ALA B 318 -21.83 1.40 0.43
CA ALA B 318 -22.14 2.42 -0.57
C ALA B 318 -20.97 3.39 -0.71
N LYS B 319 -20.41 3.81 0.42
CA LYS B 319 -19.33 4.78 0.41
C LYS B 319 -18.07 4.21 -0.23
N ILE B 320 -17.92 2.89 -0.14
CA ILE B 320 -16.72 2.22 -0.65
C ILE B 320 -16.83 1.87 -2.13
N VAL B 321 -18.03 1.50 -2.58
CA VAL B 321 -18.26 1.36 -4.01
C VAL B 321 -18.46 2.77 -4.57
N GLU B 322 -17.36 3.43 -4.87
CA GLU B 322 -17.37 4.88 -5.11
C GLU B 322 -18.17 5.31 -6.33
N GLY B 327 -17.71 -5.15 -3.29
CA GLY B 327 -18.34 -4.33 -2.27
C GLY B 327 -17.36 -3.86 -1.21
N ILE B 328 -17.36 -4.55 -0.07
CA ILE B 328 -16.35 -4.33 0.97
C ILE B 328 -15.38 -5.51 0.94
N PRO B 329 -14.19 -5.30 0.36
CA PRO B 329 -13.26 -6.39 0.06
C PRO B 329 -12.84 -7.21 1.29
N GLY B 330 -12.50 -6.54 2.39
CA GLY B 330 -12.07 -7.25 3.59
C GLY B 330 -13.21 -7.88 4.38
N GLY B 331 -14.44 -7.55 4.02
CA GLY B 331 -15.58 -8.09 4.72
C GLY B 331 -15.72 -7.54 6.13
N VAL B 332 -16.10 -8.43 7.05
CA VAL B 332 -16.40 -8.07 8.43
C VAL B 332 -15.48 -8.80 9.39
N VAL B 333 -14.97 -8.10 10.40
CA VAL B 333 -14.12 -8.75 11.39
C VAL B 333 -14.81 -8.59 12.74
N LEU B 334 -15.17 -9.70 13.38
CA LEU B 334 -15.80 -9.65 14.69
C LEU B 334 -14.75 -9.62 15.80
N THR B 335 -14.94 -8.76 16.78
CA THR B 335 -14.00 -8.60 17.86
C THR B 335 -14.73 -8.47 19.18
N GLY B 336 -13.96 -8.33 20.26
CA GLY B 336 -14.55 -8.27 21.59
C GLY B 336 -15.00 -9.60 22.16
N GLY B 337 -15.54 -9.55 23.37
CA GLY B 337 -15.97 -10.76 24.06
C GLY B 337 -16.90 -11.65 23.28
N GLY B 338 -17.93 -11.07 22.68
CA GLY B 338 -18.90 -11.83 21.94
C GLY B 338 -18.34 -12.59 20.75
N ALA B 339 -17.20 -12.15 20.23
CA ALA B 339 -16.62 -12.82 19.06
C ALA B 339 -16.14 -14.24 19.38
N LYS B 340 -16.05 -14.55 20.67
CA LYS B 340 -15.63 -15.88 21.11
C LYS B 340 -16.77 -16.91 21.27
N ILE B 341 -18.01 -16.48 21.04
CA ILE B 341 -19.13 -17.42 21.06
C ILE B 341 -19.00 -18.36 19.87
N PRO B 342 -18.98 -19.67 20.13
CA PRO B 342 -18.76 -20.62 19.03
C PRO B 342 -19.73 -20.46 17.86
N ARG B 343 -19.19 -20.45 16.65
CA ARG B 343 -19.97 -20.40 15.41
C ARG B 343 -20.71 -19.09 15.19
N ILE B 344 -20.24 -18.02 15.82
CA ILE B 344 -20.89 -16.73 15.63
C ILE B 344 -20.59 -16.25 14.20
N ASN B 345 -19.45 -16.68 13.67
CA ASN B 345 -19.06 -16.27 12.33
C ASN B 345 -20.02 -16.79 11.27
N GLU B 346 -20.58 -17.98 11.49
CA GLU B 346 -21.65 -18.54 10.64
C GLU B 346 -22.90 -17.66 10.64
N LEU B 347 -23.35 -17.27 11.84
CA LEU B 347 -24.54 -16.44 11.95
C LEU B 347 -24.30 -15.09 11.30
N ALA B 348 -23.11 -14.51 11.53
CA ALA B 348 -22.77 -13.22 10.95
C ALA B 348 -22.76 -13.30 9.43
N THR B 349 -22.23 -14.39 8.91
CA THR B 349 -22.07 -14.52 7.45
C THR B 349 -23.46 -14.55 6.80
N GLU B 350 -24.38 -15.26 7.44
CA GLU B 350 -25.75 -15.35 6.96
C GLU B 350 -26.43 -13.98 7.02
N VAL B 351 -26.20 -13.23 8.09
CA VAL B 351 -26.83 -11.90 8.22
C VAL B 351 -26.23 -10.83 7.32
N PHE B 352 -24.90 -10.68 7.38
CA PHE B 352 -24.23 -9.64 6.61
C PHE B 352 -24.09 -10.01 5.15
N LYS B 353 -24.21 -11.30 4.82
CA LYS B 353 -23.97 -11.77 3.45
C LYS B 353 -22.59 -11.37 2.95
N SER B 354 -21.59 -11.66 3.76
CA SER B 354 -20.23 -11.21 3.50
C SER B 354 -19.29 -12.14 4.25
N PRO B 355 -18.05 -12.25 3.78
CA PRO B 355 -17.05 -13.02 4.54
C PRO B 355 -16.91 -12.42 5.93
N VAL B 356 -16.66 -13.29 6.90
CA VAL B 356 -16.57 -12.89 8.29
C VAL B 356 -15.39 -13.65 8.87
N ARG B 357 -14.61 -12.99 9.71
CA ARG B 357 -13.55 -13.67 10.42
C ARG B 357 -13.45 -13.11 11.83
N THR B 358 -12.78 -13.86 12.70
CA THR B 358 -12.58 -13.44 14.09
C THR B 358 -11.32 -12.58 14.19
N GLY B 359 -11.43 -11.41 14.80
CA GLY B 359 -10.28 -10.53 14.98
C GLY B 359 -9.51 -10.81 16.27
N CYS B 360 -8.20 -10.95 16.14
CA CYS B 360 -7.33 -11.02 17.31
C CYS B 360 -5.95 -10.57 16.85
N TYR B 361 -5.10 -10.25 17.81
CA TYR B 361 -3.78 -9.76 17.43
C TYR B 361 -3.04 -10.77 16.58
N ALA B 362 -3.13 -12.04 16.94
CA ALA B 362 -2.32 -13.07 16.29
C ALA B 362 -2.66 -13.15 14.80
N ASN B 363 -3.93 -12.97 14.45
CA ASN B 363 -4.35 -13.03 13.05
C ASN B 363 -4.25 -11.70 12.33
N SER B 364 -3.69 -10.69 12.98
CA SER B 364 -3.35 -9.47 12.27
C SER B 364 -2.05 -9.69 11.51
N ASP B 365 -1.54 -8.64 10.89
CA ASP B 365 -0.26 -8.76 10.19
C ASP B 365 0.87 -8.07 10.98
N ARG B 366 0.52 -7.62 12.19
CA ARG B 366 1.47 -6.99 13.10
C ARG B 366 2.54 -7.98 13.55
N PRO B 367 3.64 -7.46 14.14
CA PRO B 367 4.75 -8.26 14.65
C PRO B 367 4.32 -9.37 15.60
N SER B 368 4.91 -10.55 15.49
CA SER B 368 4.67 -11.63 16.45
C SER B 368 5.36 -11.31 17.78
N ILE B 369 4.87 -11.91 18.88
CA ILE B 369 5.29 -11.51 20.23
C ILE B 369 5.49 -12.69 21.22
N ILE B 370 6.64 -12.68 21.89
CA ILE B 370 7.03 -13.75 22.84
C ILE B 370 6.10 -13.90 24.03
N ASN B 371 5.65 -15.13 24.27
CA ASN B 371 4.83 -15.48 25.43
C ASN B 371 3.44 -14.85 25.42
N ALA B 372 2.93 -14.55 24.22
CA ALA B 372 1.69 -13.78 24.10
C ALA B 372 0.48 -14.59 23.68
N ASP B 373 0.66 -15.87 23.39
CA ASP B 373 -0.42 -16.70 22.81
C ASP B 373 -1.78 -16.65 23.52
N GLU B 374 -1.80 -16.85 24.83
CA GLU B 374 -3.07 -16.84 25.57
C GLU B 374 -3.87 -15.58 25.26
N VAL B 375 -3.18 -14.45 25.09
CA VAL B 375 -3.88 -13.19 24.83
C VAL B 375 -3.85 -12.74 23.36
N ALA B 376 -2.77 -13.05 22.63
CA ALA B 376 -2.72 -12.69 21.21
C ALA B 376 -3.84 -13.38 20.39
N ASN B 377 -4.32 -14.53 20.87
CA ASN B 377 -5.41 -15.24 20.20
C ASN B 377 -6.77 -14.89 20.79
N ASP B 378 -6.79 -13.95 21.73
CA ASP B 378 -8.02 -13.61 22.45
C ASP B 378 -8.58 -12.30 21.93
N PRO B 379 -9.75 -12.38 21.27
CA PRO B 379 -10.39 -11.17 20.72
C PRO B 379 -10.62 -10.10 21.80
N SER B 380 -10.67 -10.51 23.07
CA SER B 380 -10.93 -9.56 24.16
C SER B 380 -9.74 -8.65 24.42
N PHE B 381 -8.55 -9.07 24.00
CA PHE B 381 -7.33 -8.28 24.21
C PHE B 381 -6.89 -7.51 22.99
N ALA B 382 -7.72 -7.49 21.95
CA ALA B 382 -7.33 -6.80 20.73
C ALA B 382 -6.98 -5.32 20.97
N ALA B 383 -7.83 -4.59 21.68
CA ALA B 383 -7.56 -3.18 21.94
C ALA B 383 -6.30 -2.98 22.80
N ALA B 384 -6.11 -3.85 23.78
CA ALA B 384 -4.88 -3.76 24.58
C ALA B 384 -3.61 -3.80 23.72
N PHE B 385 -3.59 -4.65 22.69
CA PHE B 385 -2.46 -4.68 21.77
C PHE B 385 -2.45 -3.46 20.87
N GLY B 386 -3.61 -3.12 20.31
CA GLY B 386 -3.71 -2.01 19.39
C GLY B 386 -3.28 -0.68 20.00
N ASN B 387 -3.52 -0.52 21.30
CA ASN B 387 -3.10 0.69 22.00
C ASN B 387 -1.62 0.97 21.81
N VAL B 388 -0.85 -0.10 21.80
CA VAL B 388 0.60 0.05 21.77
C VAL B 388 1.09 0.21 20.35
N PHE B 389 0.57 -0.62 19.46
CA PHE B 389 0.93 -0.57 18.06
C PHE B 389 0.27 0.59 17.36
N ALA B 390 0.05 1.67 18.12
CA ALA B 390 -0.52 2.89 17.58
C ALA B 390 -0.25 4.06 18.53
N ASP C 3 -12.34 1.22 -12.34
CA ASP C 3 -11.74 0.47 -13.43
C ASP C 3 -12.32 -0.93 -13.46
N ILE C 4 -12.73 -1.39 -14.64
CA ILE C 4 -13.23 -2.75 -14.81
C ILE C 4 -12.11 -3.60 -15.40
N PRO C 5 -11.79 -4.75 -14.76
CA PRO C 5 -10.70 -5.57 -15.30
C PRO C 5 -10.92 -5.90 -16.77
N ALA C 6 -9.82 -5.97 -17.51
CA ALA C 6 -9.89 -6.21 -18.95
C ALA C 6 -10.66 -7.48 -19.32
N ILE C 7 -10.56 -8.49 -18.46
CA ILE C 7 -11.17 -9.77 -18.77
C ILE C 7 -12.68 -9.61 -19.08
N TYR C 8 -13.37 -8.80 -18.28
CA TYR C 8 -14.79 -8.51 -18.51
C TYR C 8 -14.99 -7.69 -19.78
N ARG C 9 -14.20 -6.64 -19.94
CA ARG C 9 -14.33 -5.75 -21.08
C ARG C 9 -14.04 -6.47 -22.41
N TYR C 10 -13.32 -7.60 -22.33
CA TYR C 10 -13.02 -8.40 -23.52
C TYR C 10 -13.96 -9.61 -23.64
N GLY C 11 -14.89 -9.72 -22.70
CA GLY C 11 -15.88 -10.77 -22.73
C GLY C 11 -15.28 -12.16 -22.67
N LEU C 12 -14.29 -12.33 -21.80
CA LEU C 12 -13.68 -13.65 -21.58
C LEU C 12 -14.05 -14.22 -20.21
N GLU C 13 -15.01 -13.60 -19.53
CA GLU C 13 -15.34 -13.98 -18.16
C GLU C 13 -15.98 -15.37 -18.05
N GLY C 14 -16.44 -15.88 -19.18
CA GLY C 14 -17.01 -17.22 -19.22
C GLY C 14 -16.00 -18.30 -18.87
N LEU C 15 -14.72 -17.96 -18.93
CA LEU C 15 -13.66 -18.91 -18.60
C LEU C 15 -13.38 -18.98 -17.09
N LEU C 16 -13.97 -18.07 -16.32
CA LEU C 16 -13.76 -18.05 -14.87
C LEU C 16 -14.58 -19.13 -14.15
N GLY D 2 -36.29 -3.62 31.21
CA GLY D 2 -35.80 -3.32 29.88
C GLY D 2 -36.64 -3.96 28.78
N ASP D 3 -35.99 -4.32 27.67
CA ASP D 3 -36.71 -4.91 26.55
C ASP D 3 -37.06 -6.39 26.76
N ILE D 4 -38.05 -6.85 26.01
CA ILE D 4 -38.40 -8.26 25.93
C ILE D 4 -37.24 -9.02 25.30
N PRO D 5 -36.92 -10.20 25.84
CA PRO D 5 -35.86 -11.02 25.23
C PRO D 5 -36.07 -11.19 23.73
N ALA D 6 -34.96 -11.17 22.99
CA ALA D 6 -35.01 -11.26 21.53
C ALA D 6 -35.68 -12.56 21.07
N ILE D 7 -35.51 -13.62 21.85
CA ILE D 7 -36.11 -14.88 21.47
C ILE D 7 -37.61 -14.72 21.18
N TYR D 8 -38.29 -13.88 21.96
CA TYR D 8 -39.73 -13.67 21.74
C TYR D 8 -40.01 -12.78 20.55
N ARG D 9 -39.18 -11.76 20.35
CA ARG D 9 -39.43 -10.83 19.25
C ARG D 9 -39.16 -11.51 17.90
N TYR D 10 -38.27 -12.51 17.88
CA TYR D 10 -38.05 -13.32 16.68
C TYR D 10 -38.95 -14.58 16.55
N GLY D 11 -39.87 -14.77 17.48
CA GLY D 11 -40.79 -15.90 17.42
C GLY D 11 -40.13 -17.28 17.48
N LEU D 12 -39.12 -17.42 18.32
CA LEU D 12 -38.45 -18.69 18.49
C LEU D 12 -38.77 -19.33 19.83
N GLU D 13 -39.69 -18.73 20.58
CA GLU D 13 -39.97 -19.21 21.93
C GLU D 13 -40.59 -20.61 21.95
N GLY D 14 -41.00 -21.11 20.78
CA GLY D 14 -41.59 -22.43 20.66
C GLY D 14 -40.59 -23.53 20.99
N LEU D 15 -39.31 -23.22 20.85
CA LEU D 15 -38.25 -24.19 21.09
C LEU D 15 -37.89 -24.31 22.58
N LEU D 16 -38.47 -23.47 23.42
CA LEU D 16 -38.16 -23.49 24.85
C LEU D 16 -38.91 -24.61 25.60
PG ATP E . 8.76 1.26 -14.68
O1G ATP E . 9.91 1.02 -15.65
O2G ATP E . 7.43 1.42 -15.38
O3G ATP E . 9.04 2.28 -13.59
PB ATP E . 9.72 -0.98 -13.14
O1B ATP E . 9.73 -0.73 -11.68
O2B ATP E . 11.00 -0.90 -13.96
O3B ATP E . 8.57 -0.13 -13.90
PA ATP E . 9.69 -3.49 -14.34
O1A ATP E . 9.57 -3.03 -15.77
O2A ATP E . 11.07 -3.81 -13.78
O3A ATP E . 9.03 -2.41 -13.37
O5' ATP E . 8.66 -4.69 -14.09
C5' ATP E . 7.97 -4.77 -12.85
C4' ATP E . 6.65 -5.48 -13.08
O4' ATP E . 6.80 -6.52 -14.05
C3' ATP E . 6.11 -6.10 -11.81
O3' ATP E . 4.99 -5.34 -11.35
C2' ATP E . 5.66 -7.49 -12.20
O2' ATP E . 4.23 -7.55 -12.28
C1' ATP E . 6.20 -7.73 -13.60
N9 ATP E . 7.25 -8.77 -13.57
C8 ATP E . 8.49 -8.63 -13.04
N7 ATP E . 9.20 -9.78 -13.18
C5 ATP E . 8.42 -10.68 -13.80
C6 ATP E . 8.55 -12.07 -14.26
N6 ATP E . 9.70 -12.76 -14.05
N1 ATP E . 7.49 -12.65 -14.87
C2 ATP E . 6.33 -11.98 -15.06
N3 ATP E . 6.13 -10.70 -14.68
C4 ATP E . 7.13 -10.01 -14.05
PG ATP F . -16.73 -2.89 26.29
O1G ATP F . -15.35 -2.92 25.66
O2G ATP F . -17.82 -2.77 25.26
O3G ATP F . -16.88 -1.92 27.46
PB ATP F . -15.80 -5.27 27.64
O1B ATP F . -15.87 -5.19 29.14
O2B ATP F . -14.49 -5.14 26.89
O3B ATP F . -16.95 -4.37 26.90
PA ATP F . -15.67 -7.82 26.45
O1A ATP F . -15.72 -7.34 25.02
O2A ATP F . -14.36 -8.22 27.09
O3A ATP F . -16.40 -6.72 27.34
O5' ATP F . -16.76 -8.98 26.67
C5' ATP F . -18.09 -8.73 26.23
C4' ATP F . -18.96 -9.87 26.74
O4' ATP F . -18.54 -11.06 26.09
C3' ATP F . -18.80 -10.11 28.23
O3' ATP F . -19.99 -9.77 28.93
C2' ATP F . -18.66 -11.60 28.38
O2' ATP F . -19.83 -12.03 29.07
C1' ATP F . -18.71 -12.17 26.97
N9 ATP F . -17.65 -13.19 26.80
C8 ATP F . -16.38 -13.09 27.24
N7 ATP F . -15.69 -14.21 26.93
C5 ATP F . -16.53 -15.05 26.28
C6 ATP F . -16.42 -16.40 25.68
N6 ATP F . -15.25 -17.10 25.71
N1 ATP F . -17.53 -16.90 25.10
C2 ATP F . -18.70 -16.22 25.07
N3 ATP F . -18.86 -14.99 25.59
C4 ATP F . -17.82 -14.37 26.20
#